data_8DWF
#
_entry.id   8DWF
#
_cell.length_a   49.080
_cell.length_b   137.900
_cell.length_c   74.520
_cell.angle_alpha   90.000
_cell.angle_beta   101.440
_cell.angle_gamma   90.000
#
_symmetry.space_group_name_H-M   'P 1 21 1'
#
loop_
_entity.id
_entity.type
_entity.pdbx_description
1 polymer 'Adenine DNA glycosylase'
2 polymer "DNA (5'-D(*AP*AP*GP*AP*CP*(8OG)P*TP*GP*GP*AP*C)-3')"
3 polymer "DNA (5'-D(*TP*GP*TP*CP*CP*AP*AP*GP*TP*CP*T)-3')"
4 non-polymer 'IRON/SULFUR CLUSTER'
5 non-polymer 'CALCIUM ION'
6 non-polymer 1,2-ETHANEDIOL
7 non-polymer 2-AMINO-2-HYDROXYMETHYL-PROPANE-1,3-DIOL
8 water water
#
loop_
_entity_poly.entity_id
_entity_poly.type
_entity_poly.pdbx_seq_one_letter_code
_entity_poly.pdbx_strand_id
1 'polypeptide(L)'
;MTRETERFPAREFQRDLLDWFARERRDLPWRKDRDPYKVWVSSVMLQQTRVETVIPYFEQFIDRFPTLEALADADEDEVL
KAWEGLGYYSRVRNLHAAVKEVKTRYGGKVPDDPDEFSRLKGVGPYTVGAVLSLAYGVPEPAVDGNVMRVLSRLFLVTDD
IAKPSTRKRFEQIVREIMAYENPGAFNEALIELGALVCTPRRPSCLLCPVQAYCQAFAEGVAEELPVKMKKTAVKQVPLA
VAVLADDEGRVLIRKRDSTGLLANLWEFPSCETDGADGKEKLEQMVGEQYGLQVELTEPIVSFEHAFSHLVWQLTVFPGR
LVHGGPVEEPYRLAPEDELKAYAFPVSHQRVWREYKEWASGVRRP
;
A,D
2 'polydeoxyribonucleotide' (DA)(DA)(DG)(DA)(DC)(8OG)(DT)(DG)(DG)(DA)(DC) B,E
3 'polydeoxyribonucleotide' (DT)(DG)(DT)(DC)(DC)(DA)(DA)(DG)(DT)(DC)(DT) C,F
#
loop_
_chem_comp.id
_chem_comp.type
_chem_comp.name
_chem_comp.formula
8OG DNA linking 8-OXO-2'-DEOXY-GUANOSINE-5'-MONOPHOSPHATE 'C10 H14 N5 O8 P'
CA non-polymer 'CALCIUM ION' 'Ca 2'
DA DNA linking 2'-DEOXYADENOSINE-5'-MONOPHOSPHATE 'C10 H14 N5 O6 P'
DC DNA linking 2'-DEOXYCYTIDINE-5'-MONOPHOSPHATE 'C9 H14 N3 O7 P'
DG DNA linking 2'-DEOXYGUANOSINE-5'-MONOPHOSPHATE 'C10 H14 N5 O7 P'
DT DNA linking THYMIDINE-5'-MONOPHOSPHATE 'C10 H15 N2 O8 P'
EDO non-polymer 1,2-ETHANEDIOL 'C2 H6 O2'
SF4 non-polymer 'IRON/SULFUR CLUSTER' 'Fe4 S4'
TRS non-polymer 2-AMINO-2-HYDROXYMETHYL-PROPANE-1,3-DIOL 'C4 H12 N O3 1'
#
# COMPACT_ATOMS: atom_id res chain seq x y z
N GLU A 6 11.97 19.90 -37.92
CA GLU A 6 11.73 20.21 -39.33
C GLU A 6 11.00 19.12 -40.15
N ARG A 7 11.26 17.84 -39.85
CA ARG A 7 10.56 16.74 -40.49
C ARG A 7 9.34 16.27 -39.70
N PHE A 8 8.86 17.07 -38.72
CA PHE A 8 7.75 16.70 -37.84
C PHE A 8 6.42 17.18 -38.41
N PRO A 9 5.47 16.27 -38.66
CA PRO A 9 4.16 16.71 -39.15
C PRO A 9 3.30 17.25 -38.04
N ALA A 10 3.45 18.55 -37.75
CA ALA A 10 2.72 19.17 -36.66
C ALA A 10 1.22 19.11 -36.85
N ARG A 11 0.74 19.47 -38.03
CA ARG A 11 -0.70 19.57 -38.18
C ARG A 11 -1.38 18.21 -38.06
N GLU A 12 -0.71 17.16 -38.52
CA GLU A 12 -1.28 15.83 -38.39
C GLU A 12 -1.22 15.39 -36.93
N PHE A 13 -0.09 15.67 -36.25
CA PHE A 13 0.00 15.35 -34.84
C PHE A 13 -1.09 16.06 -34.04
N GLN A 14 -1.43 17.31 -34.42
CA GLN A 14 -2.46 18.08 -33.70
C GLN A 14 -3.88 17.53 -33.91
N ARG A 15 -4.22 17.09 -35.14
CA ARG A 15 -5.53 16.50 -35.39
C ARG A 15 -5.76 15.29 -34.50
N ASP A 16 -4.74 14.42 -34.40
CA ASP A 16 -4.88 13.17 -33.68
C ASP A 16 -4.98 13.41 -32.17
N LEU A 17 -4.13 14.31 -31.64
CA LEU A 17 -4.14 14.59 -30.22
C LEU A 17 -5.44 15.24 -29.78
N LEU A 18 -5.95 16.20 -30.57
CA LEU A 18 -7.11 16.97 -30.15
C LEU A 18 -8.42 16.21 -30.35
N ASP A 19 -8.45 15.24 -31.26
CA ASP A 19 -9.56 14.31 -31.36
C ASP A 19 -9.59 13.33 -30.19
N TRP A 20 -8.47 12.70 -29.88
CA TRP A 20 -8.40 11.91 -28.67
C TRP A 20 -8.88 12.69 -27.45
N PHE A 21 -8.44 13.94 -27.29
CA PHE A 21 -8.78 14.71 -26.10
C PHE A 21 -10.29 14.91 -26.01
N ALA A 22 -10.91 15.23 -27.13
CA ALA A 22 -12.34 15.53 -27.13
C ALA A 22 -13.19 14.31 -26.70
N ARG A 23 -12.68 13.11 -26.89
CA ARG A 23 -13.37 11.89 -26.50
C ARG A 23 -13.11 11.51 -25.05
N GLU A 24 -11.84 11.60 -24.62
CA GLU A 24 -11.35 11.00 -23.40
C GLU A 24 -11.04 12.02 -22.34
N ARG A 25 -11.29 13.29 -22.58
CA ARG A 25 -11.07 14.28 -21.55
C ARG A 25 -11.94 13.97 -20.32
N ARG A 26 -11.30 13.85 -19.16
CA ARG A 26 -12.02 13.70 -17.91
C ARG A 26 -12.82 14.96 -17.57
N ASP A 27 -13.99 14.77 -16.94
CA ASP A 27 -14.87 15.85 -16.48
C ASP A 27 -14.41 16.23 -15.09
N LEU A 28 -13.66 17.27 -15.01
CA LEU A 28 -13.15 17.76 -13.77
C LEU A 28 -13.84 19.08 -13.39
N PRO A 29 -14.06 19.30 -12.10
CA PRO A 29 -14.67 20.56 -11.63
C PRO A 29 -14.20 21.87 -12.29
N TRP A 30 -12.90 22.03 -12.64
CA TRP A 30 -12.39 23.27 -13.22
C TRP A 30 -12.59 23.36 -14.72
N ARG A 31 -13.14 22.32 -15.37
CA ARG A 31 -13.37 22.32 -16.81
C ARG A 31 -14.78 22.75 -17.16
N LYS A 32 -15.56 23.10 -16.15
CA LYS A 32 -16.93 23.50 -16.38
C LYS A 32 -17.01 24.88 -17.04
N ASP A 33 -15.98 25.70 -16.86
CA ASP A 33 -15.89 27.03 -17.46
C ASP A 33 -14.41 27.38 -17.72
N ARG A 34 -14.16 28.65 -18.04
CA ARG A 34 -12.83 29.16 -18.32
C ARG A 34 -12.62 30.51 -17.63
N ASP A 35 -13.15 30.64 -16.42
CA ASP A 35 -12.86 31.79 -15.59
C ASP A 35 -11.39 31.84 -15.21
N PRO A 36 -10.66 32.90 -15.56
CA PRO A 36 -9.23 32.94 -15.22
C PRO A 36 -8.96 32.63 -13.79
N TYR A 37 -9.86 33.04 -12.89
CA TYR A 37 -9.68 32.78 -11.47
C TYR A 37 -9.70 31.28 -11.21
N LYS A 38 -10.71 30.58 -11.73
CA LYS A 38 -10.88 29.17 -11.40
C LYS A 38 -9.82 28.31 -12.06
N VAL A 39 -9.42 28.65 -13.26
CA VAL A 39 -8.25 28.02 -13.85
C VAL A 39 -7.03 28.23 -12.97
N TRP A 40 -6.77 29.48 -12.57
CA TRP A 40 -5.61 29.77 -11.75
C TRP A 40 -5.64 28.92 -10.48
N VAL A 41 -6.78 28.88 -9.80
CA VAL A 41 -6.88 28.16 -8.53
C VAL A 41 -6.59 26.68 -8.76
N SER A 42 -7.18 26.09 -9.79
CA SER A 42 -6.88 24.70 -10.12
C SER A 42 -5.38 24.53 -10.42
N SER A 43 -4.83 25.38 -11.29
CA SER A 43 -3.41 25.26 -11.60
C SER A 43 -2.56 25.22 -10.35
N VAL A 44 -2.86 26.09 -9.40
CA VAL A 44 -2.03 26.15 -8.20
C VAL A 44 -2.24 24.91 -7.35
N MET A 45 -3.49 24.51 -7.16
CA MET A 45 -3.79 23.32 -6.38
C MET A 45 -3.19 22.05 -6.99
N LEU A 46 -3.11 22.01 -8.31
CA LEU A 46 -2.52 20.85 -8.95
C LEU A 46 -1.01 20.80 -8.80
N GLN A 47 -0.38 21.81 -8.28
CA GLN A 47 1.07 21.82 -8.32
C GLN A 47 1.57 20.74 -7.37
N GLN A 48 2.20 19.70 -7.95
CA GLN A 48 2.78 18.58 -7.21
C GLN A 48 1.71 17.81 -6.39
N THR A 49 0.45 17.91 -6.81
CA THR A 49 -0.69 17.23 -6.25
C THR A 49 -1.51 16.64 -7.40
N ARG A 50 -2.13 15.49 -7.12
CA ARG A 50 -2.78 14.71 -8.15
C ARG A 50 -4.20 15.18 -8.36
N VAL A 51 -4.66 14.98 -9.58
CA VAL A 51 -6.01 15.38 -9.93
C VAL A 51 -7.03 14.75 -8.99
N GLU A 52 -6.94 13.45 -8.73
CA GLU A 52 -7.93 12.86 -7.84
C GLU A 52 -7.83 13.47 -6.45
N THR A 53 -6.63 13.76 -5.99
CA THR A 53 -6.51 14.35 -4.67
C THR A 53 -7.14 15.75 -4.59
N VAL A 54 -7.11 16.48 -5.70
CA VAL A 54 -7.43 17.91 -5.73
C VAL A 54 -8.93 18.16 -5.93
N ILE A 55 -9.61 17.27 -6.65
CA ILE A 55 -11.03 17.43 -6.99
C ILE A 55 -11.84 17.92 -5.79
N PRO A 56 -11.88 17.22 -4.66
CA PRO A 56 -12.75 17.69 -3.58
C PRO A 56 -12.29 19.02 -2.98
N TYR A 57 -10.98 19.25 -2.92
CA TYR A 57 -10.49 20.52 -2.44
C TYR A 57 -11.01 21.68 -3.29
N PHE A 58 -10.84 21.60 -4.63
CA PHE A 58 -11.33 22.65 -5.54
C PHE A 58 -12.78 22.95 -5.30
N GLU A 59 -13.60 21.91 -5.14
CA GLU A 59 -15.04 22.14 -4.95
C GLU A 59 -15.30 22.89 -3.66
N GLN A 60 -14.57 22.54 -2.60
CA GLN A 60 -14.81 23.21 -1.34
C GLN A 60 -14.24 24.62 -1.32
N PHE A 61 -13.07 24.81 -1.94
CA PHE A 61 -12.44 26.12 -1.97
C PHE A 61 -13.34 27.11 -2.66
N ILE A 62 -13.88 26.72 -3.81
CA ILE A 62 -14.66 27.67 -4.58
C ILE A 62 -15.97 28.00 -3.86
N ASP A 63 -16.57 27.02 -3.18
CA ASP A 63 -17.73 27.32 -2.32
C ASP A 63 -17.37 28.39 -1.28
N ARG A 64 -16.26 28.19 -0.53
CA ARG A 64 -15.88 29.23 0.42
C ARG A 64 -15.46 30.52 -0.30
N PHE A 65 -14.85 30.43 -1.46
CA PHE A 65 -14.21 31.57 -2.10
C PHE A 65 -14.51 31.57 -3.60
N PRO A 66 -15.69 32.05 -3.99
CA PRO A 66 -16.16 31.89 -5.37
C PRO A 66 -15.55 32.82 -6.39
N THR A 67 -14.83 33.84 -5.95
CA THR A 67 -14.32 34.87 -6.84
C THR A 67 -12.93 35.32 -6.39
N LEU A 68 -12.20 35.92 -7.31
CA LEU A 68 -10.91 36.49 -6.94
C LEU A 68 -11.08 37.45 -5.76
N GLU A 69 -12.09 38.32 -5.83
CA GLU A 69 -12.34 39.33 -4.79
C GLU A 69 -12.67 38.68 -3.45
N ALA A 70 -13.33 37.53 -3.46
CA ALA A 70 -13.69 36.82 -2.24
C ALA A 70 -12.47 36.30 -1.50
N LEU A 71 -11.56 35.66 -2.22
CA LEU A 71 -10.36 35.14 -1.57
C LEU A 71 -9.53 36.27 -0.98
N ALA A 72 -9.48 37.41 -1.67
CA ALA A 72 -8.68 38.55 -1.19
C ALA A 72 -9.27 39.24 0.05
N ASP A 73 -10.60 39.33 0.18
CA ASP A 73 -11.21 39.94 1.35
C ASP A 73 -11.19 39.03 2.58
N ALA A 74 -10.85 37.75 2.39
CA ALA A 74 -10.90 36.74 3.43
C ALA A 74 -9.66 36.76 4.30
N ASP A 75 -9.81 36.23 5.52
CA ASP A 75 -8.75 36.26 6.52
C ASP A 75 -7.79 35.11 6.26
N GLU A 76 -6.51 35.35 6.53
CA GLU A 76 -5.50 34.36 6.18
C GLU A 76 -5.79 33.02 6.83
N ASP A 77 -6.49 33.02 7.97
CA ASP A 77 -6.71 31.79 8.70
C ASP A 77 -7.72 30.89 7.97
N GLU A 78 -8.81 31.45 7.46
CA GLU A 78 -9.79 30.63 6.75
C GLU A 78 -9.22 30.15 5.39
N VAL A 79 -8.40 30.98 4.74
CA VAL A 79 -7.78 30.60 3.48
C VAL A 79 -6.91 29.38 3.68
N LEU A 80 -6.24 29.31 4.83
CA LEU A 80 -5.34 28.20 5.11
C LEU A 80 -6.11 26.96 5.51
N LYS A 81 -7.14 27.11 6.36
CA LYS A 81 -7.98 25.96 6.71
C LYS A 81 -8.62 25.35 5.49
N ALA A 82 -8.82 26.12 4.42
CA ALA A 82 -9.32 25.53 3.18
C ALA A 82 -8.26 24.63 2.50
N TRP A 83 -6.98 24.93 2.66
CA TRP A 83 -5.90 24.14 2.07
C TRP A 83 -5.46 22.98 2.97
N GLU A 84 -6.08 22.80 4.14
CA GLU A 84 -5.64 21.88 5.19
C GLU A 84 -5.57 20.46 4.66
N GLY A 85 -4.36 19.92 4.60
CA GLY A 85 -4.13 18.57 4.13
C GLY A 85 -3.62 18.45 2.70
N LEU A 86 -3.56 19.57 1.97
CA LEU A 86 -3.10 19.57 0.59
C LEU A 86 -1.59 19.68 0.48
N GLY A 87 -0.90 20.11 1.51
CA GLY A 87 0.55 20.16 1.43
C GLY A 87 1.06 21.43 0.75
N TYR A 88 2.39 21.51 0.67
CA TYR A 88 3.07 22.69 0.16
C TYR A 88 2.25 23.96 0.39
N TYR A 89 2.12 24.41 1.66
CA TYR A 89 1.13 25.41 2.02
C TYR A 89 1.55 26.81 1.64
N SER A 90 2.79 26.99 1.20
CA SER A 90 3.20 28.27 0.65
C SER A 90 2.40 28.68 -0.58
N ARG A 91 1.87 27.70 -1.34
CA ARG A 91 1.10 28.01 -2.54
C ARG A 91 -0.11 28.88 -2.25
N VAL A 92 -0.76 28.65 -1.11
CA VAL A 92 -1.99 29.36 -0.76
C VAL A 92 -1.69 30.73 -0.17
N ARG A 93 -0.62 30.87 0.61
CA ARG A 93 -0.26 32.22 1.07
C ARG A 93 0.20 33.07 -0.11
N ASN A 94 0.93 32.48 -1.04
CA ASN A 94 1.27 33.15 -2.29
C ASN A 94 0.04 33.40 -3.16
N LEU A 95 -0.86 32.43 -3.27
CA LEU A 95 -2.05 32.65 -4.08
C LEU A 95 -2.92 33.73 -3.47
N HIS A 96 -3.00 33.80 -2.14
CA HIS A 96 -3.81 34.81 -1.45
C HIS A 96 -3.21 36.19 -1.61
N ALA A 97 -1.90 36.30 -1.45
CA ALA A 97 -1.20 37.57 -1.70
C ALA A 97 -1.31 38.04 -3.14
N ALA A 98 -1.28 37.10 -4.08
CA ALA A 98 -1.36 37.45 -5.49
C ALA A 98 -2.75 37.93 -5.88
N VAL A 99 -3.81 37.32 -5.34
CA VAL A 99 -5.14 37.79 -5.71
C VAL A 99 -5.37 39.18 -5.15
N LYS A 100 -4.68 39.54 -4.08
CA LYS A 100 -4.77 40.91 -3.57
C LYS A 100 -4.11 41.90 -4.53
N GLU A 101 -2.90 41.59 -5.01
CA GLU A 101 -2.27 42.42 -6.02
C GLU A 101 -3.17 42.58 -7.25
N VAL A 102 -3.86 41.52 -7.66
CA VAL A 102 -4.74 41.66 -8.82
C VAL A 102 -5.86 42.63 -8.50
N LYS A 103 -6.44 42.52 -7.32
CA LYS A 103 -7.54 43.41 -6.98
C LYS A 103 -7.10 44.88 -7.04
N THR A 104 -5.88 45.15 -6.58
CA THR A 104 -5.41 46.54 -6.54
C THR A 104 -4.84 46.97 -7.88
N ARG A 105 -3.66 46.46 -8.21
CA ARG A 105 -2.93 46.95 -9.36
C ARG A 105 -3.65 46.67 -10.68
N TYR A 106 -4.37 45.55 -10.78
CA TYR A 106 -4.95 45.14 -12.05
C TYR A 106 -6.46 45.21 -12.04
N GLY A 107 -7.06 45.77 -10.99
CA GLY A 107 -8.49 45.99 -11.01
C GLY A 107 -9.30 44.73 -11.07
N GLY A 108 -8.88 43.70 -10.33
CA GLY A 108 -9.57 42.43 -10.26
C GLY A 108 -9.67 41.68 -11.57
N LYS A 109 -8.83 41.97 -12.55
CA LYS A 109 -8.85 41.27 -13.83
C LYS A 109 -7.53 40.55 -13.97
N VAL A 110 -7.56 39.22 -14.01
CA VAL A 110 -6.31 38.46 -14.07
C VAL A 110 -5.55 38.99 -15.27
N PRO A 111 -4.30 39.43 -15.11
CA PRO A 111 -3.51 39.89 -16.26
C PRO A 111 -3.44 38.87 -17.37
N ASP A 112 -3.39 39.36 -18.62
CA ASP A 112 -3.21 38.50 -19.77
C ASP A 112 -1.86 38.69 -20.46
N ASP A 113 -1.03 39.57 -19.98
CA ASP A 113 0.34 39.65 -20.46
C ASP A 113 1.13 38.63 -19.67
N PRO A 114 1.80 37.70 -20.32
CA PRO A 114 2.56 36.68 -19.57
C PRO A 114 3.49 37.26 -18.47
N ASP A 115 4.20 38.33 -18.77
CA ASP A 115 5.21 38.85 -17.85
C ASP A 115 4.59 39.58 -16.68
N GLU A 116 3.43 40.18 -16.87
CA GLU A 116 2.71 40.71 -15.74
C GLU A 116 2.13 39.60 -14.87
N PHE A 117 1.50 38.59 -15.47
CA PHE A 117 0.97 37.51 -14.66
C PHE A 117 2.10 36.84 -13.89
N SER A 118 3.18 36.49 -14.61
CA SER A 118 4.30 35.74 -14.03
C SER A 118 4.95 36.48 -12.87
N ARG A 119 4.67 37.76 -12.74
CA ARG A 119 5.25 38.56 -11.67
C ARG A 119 4.45 38.48 -10.38
N LEU A 120 3.33 37.76 -10.39
CA LEU A 120 2.56 37.51 -9.19
C LEU A 120 3.15 36.31 -8.44
N LYS A 121 2.92 36.28 -7.14
CA LYS A 121 3.50 35.21 -6.33
C LYS A 121 2.81 33.88 -6.61
N GLY A 122 3.61 32.81 -6.61
CA GLY A 122 3.16 31.48 -6.93
C GLY A 122 3.04 31.17 -8.40
N VAL A 123 3.20 32.15 -9.27
CA VAL A 123 2.99 32.01 -10.70
C VAL A 123 4.35 31.82 -11.38
N GLY A 124 4.62 30.60 -11.79
CA GLY A 124 5.81 30.29 -12.52
C GLY A 124 5.45 29.92 -13.93
N PRO A 125 6.38 29.26 -14.61
CA PRO A 125 6.21 28.94 -16.04
C PRO A 125 5.08 28.02 -16.39
N TYR A 126 4.72 27.08 -15.50
CA TYR A 126 3.57 26.25 -15.76
C TYR A 126 2.30 27.06 -15.52
N THR A 127 2.18 27.73 -14.37
CA THR A 127 0.96 28.45 -14.05
C THR A 127 0.66 29.52 -15.11
N VAL A 128 1.72 30.16 -15.63
CA VAL A 128 1.51 31.16 -16.67
C VAL A 128 0.83 30.57 -17.88
N GLY A 129 1.41 29.50 -18.43
CA GLY A 129 0.79 28.79 -19.56
C GLY A 129 -0.60 28.27 -19.26
N ALA A 130 -0.82 27.68 -18.08
CA ALA A 130 -2.08 26.98 -17.83
C ALA A 130 -3.25 27.96 -17.74
N VAL A 131 -3.02 29.14 -17.14
CA VAL A 131 -4.08 30.13 -17.00
C VAL A 131 -4.22 30.94 -18.29
N LEU A 132 -3.14 31.35 -18.87
CA LEU A 132 -3.31 32.30 -19.96
C LEU A 132 -3.84 31.60 -21.17
N SER A 133 -3.33 30.42 -21.46
CA SER A 133 -3.83 29.65 -22.59
C SER A 133 -5.27 29.23 -22.36
N LEU A 134 -5.60 28.71 -21.19
CA LEU A 134 -6.96 28.22 -21.00
C LEU A 134 -7.97 29.36 -21.00
N ALA A 135 -7.69 30.44 -20.28
CA ALA A 135 -8.73 31.44 -20.06
C ALA A 135 -8.71 32.59 -21.03
N TYR A 136 -7.54 32.86 -21.67
CA TYR A 136 -7.35 34.01 -22.57
C TYR A 136 -6.84 33.64 -23.97
N GLY A 137 -6.54 32.37 -24.26
CA GLY A 137 -6.09 32.03 -25.61
C GLY A 137 -4.63 32.39 -25.89
N VAL A 138 -3.90 32.77 -24.86
CA VAL A 138 -2.50 33.08 -25.07
C VAL A 138 -1.73 31.79 -25.36
N PRO A 139 -0.86 31.77 -26.42
CA PRO A 139 -0.11 30.57 -26.81
C PRO A 139 1.19 30.34 -26.03
N GLU A 140 1.07 30.27 -24.70
CA GLU A 140 2.22 30.11 -23.79
C GLU A 140 2.32 28.68 -23.32
N PRO A 141 3.45 28.01 -23.48
CA PRO A 141 3.54 26.60 -23.07
C PRO A 141 3.31 26.41 -21.59
N ALA A 142 2.58 25.37 -21.25
CA ALA A 142 2.33 24.99 -19.86
C ALA A 142 3.03 23.67 -19.60
N VAL A 143 4.32 23.73 -19.35
CA VAL A 143 5.16 22.56 -19.39
C VAL A 143 5.37 22.01 -17.98
N ASP A 144 4.60 20.98 -17.65
CA ASP A 144 4.59 20.32 -16.37
C ASP A 144 5.24 18.94 -16.51
N GLY A 145 5.09 18.10 -15.47
CA GLY A 145 5.78 16.82 -15.43
C GLY A 145 5.24 15.83 -16.43
N ASN A 146 3.93 15.91 -16.69
CA ASN A 146 3.32 15.11 -17.73
C ASN A 146 3.84 15.48 -19.11
N VAL A 147 3.98 16.79 -19.41
CA VAL A 147 4.40 17.22 -20.74
C VAL A 147 5.84 16.80 -20.99
N MET A 148 6.72 16.98 -20.00
CA MET A 148 8.12 16.59 -20.19
C MET A 148 8.24 15.12 -20.50
N ARG A 149 7.48 14.30 -19.81
CA ARG A 149 7.54 12.86 -20.07
C ARG A 149 7.01 12.52 -21.45
N VAL A 150 5.91 13.16 -21.89
CA VAL A 150 5.41 12.94 -23.23
C VAL A 150 6.39 13.45 -24.30
N LEU A 151 6.95 14.65 -24.09
CA LEU A 151 7.86 15.22 -25.08
C LEU A 151 9.20 14.51 -25.10
N SER A 152 9.69 14.06 -23.94
CA SER A 152 10.96 13.37 -23.96
C SER A 152 10.85 12.07 -24.71
N ARG A 153 9.64 11.49 -24.71
CA ARG A 153 9.39 10.24 -25.45
C ARG A 153 9.10 10.51 -26.94
N LEU A 154 8.29 11.51 -27.24
CA LEU A 154 8.05 11.84 -28.63
C LEU A 154 9.32 12.22 -29.35
N PHE A 155 10.22 12.93 -28.69
CA PHE A 155 11.36 13.53 -29.38
C PHE A 155 12.70 13.03 -28.88
N LEU A 156 12.71 11.94 -28.13
CA LEU A 156 13.93 11.36 -27.57
C LEU A 156 14.85 12.40 -26.93
N VAL A 157 14.32 13.09 -25.94
CA VAL A 157 15.12 13.95 -25.08
C VAL A 157 15.72 13.07 -24.00
N THR A 158 17.02 12.80 -24.10
CA THR A 158 17.70 11.99 -23.11
C THR A 158 18.20 12.78 -21.90
N ASP A 159 18.11 14.12 -21.94
CA ASP A 159 18.71 14.92 -20.90
C ASP A 159 17.82 15.05 -19.68
N ASP A 160 18.47 15.31 -18.56
CA ASP A 160 17.75 15.44 -17.30
C ASP A 160 16.72 16.54 -17.41
N ILE A 161 15.47 16.21 -17.13
CA ILE A 161 14.40 17.16 -17.34
C ILE A 161 14.51 18.28 -16.29
N ALA A 162 15.46 18.14 -15.35
CA ALA A 162 15.59 19.17 -14.33
C ALA A 162 16.48 20.33 -14.77
N LYS A 163 17.27 20.11 -15.81
CA LYS A 163 18.19 21.11 -16.33
C LYS A 163 17.49 22.24 -17.08
N PRO A 164 17.90 23.54 -16.85
CA PRO A 164 17.35 24.68 -17.64
C PRO A 164 17.51 24.57 -19.13
N SER A 165 18.61 24.02 -19.61
CA SER A 165 18.71 23.83 -21.04
C SER A 165 17.61 22.91 -21.54
N THR A 166 17.33 21.84 -20.80
CA THR A 166 16.30 20.87 -21.23
C THR A 166 14.93 21.53 -21.20
N ARG A 167 14.65 22.28 -20.14
CA ARG A 167 13.37 22.96 -20.03
C ARG A 167 13.22 23.98 -21.13
N LYS A 168 14.33 24.54 -21.59
CA LYS A 168 14.22 25.39 -22.76
C LYS A 168 13.86 24.56 -23.98
N ARG A 169 14.54 23.43 -24.18
CA ARG A 169 14.21 22.60 -25.34
C ARG A 169 12.71 22.31 -25.38
N PHE A 170 12.13 22.03 -24.22
CA PHE A 170 10.73 21.66 -24.19
C PHE A 170 9.88 22.84 -24.61
N GLU A 171 10.14 24.00 -23.99
CA GLU A 171 9.41 25.22 -24.33
C GLU A 171 9.46 25.48 -25.82
N GLN A 172 10.62 25.24 -26.45
CA GLN A 172 10.73 25.52 -27.88
C GLN A 172 10.00 24.47 -28.72
N ILE A 173 10.03 23.21 -28.28
CA ILE A 173 9.29 22.18 -28.98
C ILE A 173 7.79 22.53 -29.00
N VAL A 174 7.31 23.10 -27.88
CA VAL A 174 5.89 23.34 -27.74
C VAL A 174 5.49 24.51 -28.60
N ARG A 175 6.29 25.58 -28.58
CA ARG A 175 6.10 26.68 -29.54
C ARG A 175 6.10 26.22 -31.00
N GLU A 176 6.99 25.29 -31.37
CA GLU A 176 6.93 24.83 -32.74
C GLU A 176 5.65 24.05 -32.98
N ILE A 177 5.34 23.04 -32.13
CA ILE A 177 4.29 22.07 -32.46
C ILE A 177 2.91 22.47 -31.99
N MET A 178 2.81 23.54 -31.23
CA MET A 178 1.54 23.92 -30.67
C MET A 178 0.57 24.27 -31.81
N ALA A 179 -0.72 24.19 -31.49
CA ALA A 179 -1.81 24.57 -32.39
C ALA A 179 -2.32 25.95 -31.97
N TYR A 180 -1.86 26.96 -32.69
CA TYR A 180 -2.20 28.32 -32.28
C TYR A 180 -3.70 28.66 -32.49
N GLU A 181 -4.46 27.79 -33.16
CA GLU A 181 -5.91 27.93 -33.22
C GLU A 181 -6.52 27.88 -31.82
N ASN A 182 -6.12 26.89 -31.02
CA ASN A 182 -6.68 26.66 -29.69
C ASN A 182 -5.54 26.37 -28.73
N PRO A 183 -4.83 27.40 -28.28
CA PRO A 183 -3.69 27.17 -27.38
C PRO A 183 -4.08 26.44 -26.13
N GLY A 184 -5.28 26.71 -25.62
CA GLY A 184 -5.66 26.05 -24.38
C GLY A 184 -5.81 24.55 -24.53
N ALA A 185 -6.67 24.13 -25.41
CA ALA A 185 -6.86 22.71 -25.58
C ALA A 185 -5.61 21.99 -26.02
N PHE A 186 -4.72 22.64 -26.78
CA PHE A 186 -3.51 21.89 -27.12
C PHE A 186 -2.66 21.68 -25.86
N ASN A 187 -2.56 22.72 -25.02
CA ASN A 187 -1.81 22.60 -23.78
C ASN A 187 -2.44 21.57 -22.84
N GLU A 188 -3.77 21.59 -22.72
CA GLU A 188 -4.47 20.68 -21.81
C GLU A 188 -4.43 19.24 -22.32
N ALA A 189 -4.28 19.05 -23.63
CA ALA A 189 -4.31 17.71 -24.20
C ALA A 189 -2.99 16.97 -24.03
N LEU A 190 -1.85 17.66 -24.22
CA LEU A 190 -0.56 17.09 -23.83
C LEU A 190 -0.57 16.61 -22.36
N ILE A 191 -1.14 17.39 -21.45
CA ILE A 191 -1.21 16.98 -20.05
C ILE A 191 -2.04 15.70 -19.92
N GLU A 192 -3.24 15.71 -20.51
CA GLU A 192 -4.13 14.56 -20.37
C GLU A 192 -3.53 13.31 -20.95
N LEU A 193 -2.64 13.46 -21.92
CA LEU A 193 -2.06 12.29 -22.53
C LEU A 193 -1.02 11.68 -21.63
N GLY A 194 -0.18 12.49 -21.00
CA GLY A 194 0.71 11.90 -20.02
C GLY A 194 -0.01 11.39 -18.78
N ALA A 195 -1.23 11.87 -18.52
CA ALA A 195 -1.98 11.49 -17.33
C ALA A 195 -2.68 10.14 -17.51
N LEU A 196 -3.19 9.85 -18.71
CA LEU A 196 -4.00 8.67 -18.96
C LEU A 196 -3.38 7.65 -19.92
N VAL A 197 -2.31 7.97 -20.63
CA VAL A 197 -1.78 7.07 -21.64
C VAL A 197 -0.27 6.96 -21.55
N CYS A 198 0.40 8.08 -21.80
CA CYS A 198 1.87 8.12 -21.71
C CYS A 198 2.28 8.23 -20.24
N THR A 199 1.93 7.18 -19.49
CA THR A 199 2.12 7.17 -18.04
C THR A 199 3.60 6.91 -17.70
N PRO A 200 3.99 7.16 -16.45
CA PRO A 200 5.42 6.97 -16.11
C PRO A 200 5.88 5.54 -16.23
N ARG A 201 5.17 4.61 -15.60
CA ARG A 201 5.48 3.20 -15.66
C ARG A 201 4.51 2.55 -16.63
N ARG A 202 5.01 1.62 -17.45
CA ARG A 202 4.22 0.91 -18.44
C ARG A 202 3.25 1.83 -19.19
N PRO A 203 3.74 2.69 -20.08
CA PRO A 203 2.83 3.53 -20.88
C PRO A 203 1.98 2.71 -21.86
N SER A 204 0.81 3.25 -22.18
CA SER A 204 -0.18 2.55 -23.01
C SER A 204 0.02 2.83 -24.49
N CYS A 205 1.26 2.62 -24.96
CA CYS A 205 1.64 3.02 -26.31
C CYS A 205 0.69 2.45 -27.38
N LEU A 206 0.22 1.22 -27.21
CA LEU A 206 -0.71 0.63 -28.17
C LEU A 206 -2.13 1.19 -28.03
N LEU A 207 -2.34 2.10 -27.09
CA LEU A 207 -3.62 2.78 -26.89
C LEU A 207 -3.51 4.27 -27.15
N CYS A 208 -2.40 4.70 -27.73
CA CYS A 208 -1.99 6.08 -27.88
C CYS A 208 -2.40 6.60 -29.23
N PRO A 209 -3.01 7.78 -29.28
CA PRO A 209 -3.38 8.39 -30.57
C PRO A 209 -2.19 8.95 -31.35
N VAL A 210 -1.00 9.07 -30.74
CA VAL A 210 0.13 9.73 -31.39
C VAL A 210 1.31 8.78 -31.41
N GLN A 211 1.02 7.49 -31.51
CA GLN A 211 2.08 6.49 -31.55
C GLN A 211 2.94 6.60 -32.81
N ALA A 212 2.32 7.00 -33.91
CA ALA A 212 3.09 7.15 -35.15
C ALA A 212 4.15 8.24 -35.05
N TYR A 213 3.94 9.25 -34.22
CA TYR A 213 4.87 10.36 -34.16
C TYR A 213 5.91 10.17 -33.07
N CYS A 214 5.90 9.03 -32.38
CA CYS A 214 6.69 8.84 -31.18
C CYS A 214 8.02 8.22 -31.54
N GLN A 215 9.11 8.88 -31.16
CA GLN A 215 10.44 8.34 -31.46
C GLN A 215 10.88 7.34 -30.40
N ALA A 216 10.41 7.46 -29.16
CA ALA A 216 10.77 6.48 -28.15
C ALA A 216 10.02 5.18 -28.37
N PHE A 217 8.82 5.25 -28.94
CA PHE A 217 8.12 4.04 -29.33
C PHE A 217 8.93 3.28 -30.37
N ALA A 218 9.45 3.99 -31.38
CA ALA A 218 10.19 3.35 -32.45
C ALA A 218 11.45 2.65 -31.93
N GLU A 219 12.22 3.32 -31.09
CA GLU A 219 13.44 2.74 -30.57
C GLU A 219 13.21 1.84 -29.35
N GLY A 220 11.99 1.74 -28.84
CA GLY A 220 11.72 0.89 -27.68
C GLY A 220 12.45 1.31 -26.42
N VAL A 221 12.54 2.61 -26.19
CA VAL A 221 13.21 3.18 -25.02
C VAL A 221 12.26 3.98 -24.15
N ALA A 222 10.94 3.85 -24.38
CA ALA A 222 9.97 4.67 -23.67
C ALA A 222 10.11 4.54 -22.16
N GLU A 223 10.20 3.31 -21.65
CA GLU A 223 10.32 3.08 -20.22
C GLU A 223 11.55 3.76 -19.61
N GLU A 224 12.59 3.97 -20.40
CA GLU A 224 13.79 4.60 -19.88
C GLU A 224 13.68 6.11 -19.80
N LEU A 225 12.68 6.67 -20.39
CA LEU A 225 12.48 8.09 -20.41
C LEU A 225 11.23 8.43 -19.63
N PRO A 226 11.12 9.66 -19.06
CA PRO A 226 12.12 10.72 -19.04
C PRO A 226 13.24 10.38 -18.10
N VAL A 227 14.20 11.29 -18.01
CA VAL A 227 15.44 11.10 -17.26
C VAL A 227 15.39 12.05 -16.09
N LYS A 228 15.20 11.48 -14.92
CA LYS A 228 15.05 12.21 -13.68
C LYS A 228 16.06 11.66 -12.73
N MET A 229 16.43 12.46 -11.76
CA MET A 229 17.46 12.00 -10.86
C MET A 229 16.87 11.12 -9.78
N LYS A 230 17.72 10.29 -9.20
CA LYS A 230 17.35 9.48 -8.04
C LYS A 230 17.36 10.34 -6.79
N LYS A 231 16.35 10.15 -5.92
CA LYS A 231 16.27 10.86 -4.65
C LYS A 231 17.36 10.36 -3.69
N THR A 232 18.19 11.29 -3.21
CA THR A 232 19.15 10.99 -2.16
C THR A 232 18.45 11.02 -0.81
N ALA A 233 18.85 10.08 0.05
CA ALA A 233 18.18 9.85 1.33
C ALA A 233 17.96 11.15 2.08
N VAL A 234 16.86 11.18 2.83
CA VAL A 234 16.46 12.36 3.57
C VAL A 234 16.85 12.20 5.04
N LYS A 235 16.94 13.33 5.73
CA LYS A 235 17.28 13.33 7.14
C LYS A 235 16.08 12.89 7.95
N GLN A 236 16.34 12.13 9.02
CA GLN A 236 15.31 11.65 9.92
C GLN A 236 15.36 12.50 11.18
N VAL A 237 14.19 12.93 11.66
CA VAL A 237 14.11 13.98 12.70
C VAL A 237 13.21 13.49 13.83
N PRO A 238 13.80 13.00 14.89
CA PRO A 238 13.04 12.60 16.07
C PRO A 238 12.31 13.75 16.77
N LEU A 239 11.01 13.54 17.02
CA LEU A 239 10.11 14.55 17.55
C LEU A 239 9.28 14.00 18.69
N ALA A 240 9.23 14.75 19.79
CA ALA A 240 8.40 14.41 20.94
C ALA A 240 7.17 15.33 20.97
N VAL A 241 5.99 14.74 21.13
CA VAL A 241 4.74 15.48 21.05
C VAL A 241 3.91 15.22 22.30
N ALA A 242 3.50 16.29 22.97
CA ALA A 242 2.70 16.19 24.17
C ALA A 242 1.24 16.53 23.87
N VAL A 243 0.33 15.62 24.18
CA VAL A 243 -1.08 15.97 24.12
C VAL A 243 -1.60 16.16 25.52
N LEU A 244 -1.56 17.40 25.99
CA LEU A 244 -1.91 17.76 27.36
C LEU A 244 -3.35 18.24 27.44
N ALA A 245 -4.05 17.79 28.47
CA ALA A 245 -5.42 18.20 28.74
C ALA A 245 -5.47 18.86 30.12
N ASP A 246 -6.65 19.38 30.47
CA ASP A 246 -6.87 19.90 31.82
C ASP A 246 -8.18 19.34 32.36
N ASP A 247 -8.56 19.81 33.58
CA ASP A 247 -9.78 19.33 34.25
C ASP A 247 -11.05 19.75 33.52
N GLU A 248 -11.01 20.87 32.80
CA GLU A 248 -12.09 21.34 31.94
C GLU A 248 -12.14 20.64 30.58
N GLY A 249 -11.15 19.80 30.24
CA GLY A 249 -11.13 19.04 29.00
C GLY A 249 -10.39 19.69 27.86
N ARG A 250 -9.95 20.93 28.04
CA ARG A 250 -9.30 21.67 26.99
C ARG A 250 -7.92 21.08 26.75
N VAL A 251 -7.48 21.16 25.49
CA VAL A 251 -6.21 20.62 25.02
C VAL A 251 -5.27 21.79 24.73
N LEU A 252 -4.04 21.71 25.24
CA LEU A 252 -3.03 22.70 24.93
C LEU A 252 -2.50 22.49 23.51
N ILE A 253 -2.65 23.52 22.68
CA ILE A 253 -2.09 23.59 21.33
C ILE A 253 -1.29 24.88 21.18
N ARG A 254 -0.52 24.97 20.10
CA ARG A 254 0.24 26.17 19.77
C ARG A 254 0.27 26.37 18.26
N LYS A 255 0.44 27.61 17.83
CA LYS A 255 0.54 27.96 16.42
C LYS A 255 2.00 28.10 16.02
N ARG A 256 2.32 27.63 14.83
CA ARG A 256 3.68 27.72 14.32
C ARG A 256 3.96 29.09 13.68
N ASP A 257 5.26 29.39 13.49
CA ASP A 257 5.77 30.65 12.96
C ASP A 257 5.24 30.92 11.54
N SER A 258 5.18 32.21 11.17
CA SER A 258 4.80 32.62 9.82
C SER A 258 5.84 32.23 8.76
N THR A 259 7.04 31.82 9.18
CA THR A 259 8.17 31.57 8.29
C THR A 259 8.74 30.19 8.56
N GLY A 260 8.74 29.35 7.56
CA GLY A 260 9.36 28.06 7.72
C GLY A 260 8.52 26.88 7.28
N LEU A 261 8.73 25.75 7.96
CA LEU A 261 7.92 24.56 7.72
C LEU A 261 6.55 24.73 8.36
N LEU A 262 5.53 24.23 7.65
CA LEU A 262 4.16 24.15 8.14
C LEU A 262 3.77 25.47 8.77
N ALA A 263 4.04 26.53 8.04
CA ALA A 263 3.94 27.87 8.59
C ALA A 263 2.50 28.24 8.89
N ASN A 264 2.31 28.86 10.05
CA ASN A 264 1.03 29.35 10.52
C ASN A 264 0.01 28.25 10.74
N LEU A 265 0.47 27.02 10.88
CA LEU A 265 -0.39 25.90 11.24
C LEU A 265 -0.33 25.61 12.74
N TRP A 266 -1.40 25.02 13.25
CA TRP A 266 -1.52 24.70 14.68
C TRP A 266 -1.04 23.28 14.92
N GLU A 267 -0.41 23.06 16.07
CA GLU A 267 0.17 21.77 16.39
C GLU A 267 0.10 21.57 17.91
N PHE A 268 0.37 20.33 18.34
CA PHE A 268 0.53 20.07 19.76
C PHE A 268 1.98 20.37 20.13
N PRO A 269 2.24 20.84 21.35
CA PRO A 269 3.61 21.15 21.77
C PRO A 269 4.59 20.04 21.40
N SER A 270 5.66 20.40 20.71
CA SER A 270 6.58 19.43 20.14
C SER A 270 8.01 19.91 20.37
N CYS A 271 8.93 18.94 20.41
CA CYS A 271 10.30 19.20 20.84
C CYS A 271 11.25 18.28 20.11
N GLU A 272 12.55 18.63 20.16
CA GLU A 272 13.59 17.75 19.64
C GLU A 272 13.78 16.57 20.57
N THR A 273 14.61 15.62 20.15
CA THR A 273 14.73 14.36 20.88
C THR A 273 16.10 13.80 20.56
N ALA A 276 17.41 11.20 23.60
CA ALA A 276 16.12 10.58 23.33
C ALA A 276 15.23 10.52 24.60
N ASP A 277 15.50 11.34 25.61
CA ASP A 277 14.67 11.34 26.82
C ASP A 277 13.24 11.71 26.48
N GLY A 278 13.06 12.89 25.86
CA GLY A 278 11.75 13.34 25.44
C GLY A 278 10.91 13.86 26.59
N LYS A 279 10.40 12.96 27.43
CA LYS A 279 9.53 13.40 28.52
C LYS A 279 10.21 14.46 29.37
N GLU A 280 11.55 14.45 29.40
CA GLU A 280 12.28 15.51 30.10
C GLU A 280 12.27 16.80 29.30
N LYS A 281 12.57 16.72 28.00
CA LYS A 281 12.69 17.93 27.20
C LYS A 281 11.33 18.60 27.04
N LEU A 282 10.25 17.82 27.06
CA LEU A 282 8.90 18.37 26.88
C LEU A 282 8.38 19.06 28.15
N GLU A 283 8.69 18.53 29.34
CA GLU A 283 8.27 19.21 30.56
C GLU A 283 9.03 20.50 30.72
N GLN A 284 10.34 20.49 30.42
CA GLN A 284 11.14 21.71 30.53
C GLN A 284 10.59 22.83 29.65
N MET A 285 9.91 22.47 28.56
CA MET A 285 9.40 23.45 27.61
C MET A 285 8.09 24.05 28.07
N VAL A 286 7.13 23.18 28.43
CA VAL A 286 5.84 23.64 28.89
C VAL A 286 5.96 24.36 30.22
N GLY A 287 6.88 23.89 31.07
CA GLY A 287 7.17 24.58 32.32
C GLY A 287 7.76 25.96 32.12
N GLU A 288 8.38 26.21 30.96
CA GLU A 288 8.95 27.51 30.64
C GLU A 288 7.88 28.55 30.29
N GLN A 289 6.65 28.12 30.03
CA GLN A 289 5.55 29.06 29.82
C GLN A 289 5.05 29.56 31.19
N TYR A 290 4.50 30.78 31.21
CA TYR A 290 4.13 31.42 32.47
C TYR A 290 2.85 30.82 33.04
N GLY A 291 2.90 30.41 34.31
CA GLY A 291 1.79 29.78 35.02
C GLY A 291 1.37 28.40 34.54
N LEU A 292 2.34 27.54 34.17
CA LEU A 292 2.07 26.25 33.55
C LEU A 292 2.88 25.17 34.26
N GLN A 293 2.21 24.07 34.63
CA GLN A 293 2.81 22.92 35.32
C GLN A 293 2.36 21.65 34.63
N VAL A 294 3.30 20.74 34.35
CA VAL A 294 3.04 19.55 33.53
C VAL A 294 3.53 18.29 34.24
N GLU A 295 2.69 17.25 34.25
CA GLU A 295 3.13 15.90 34.59
C GLU A 295 2.68 14.92 33.51
N LEU A 296 3.64 14.30 32.82
CA LEU A 296 3.37 13.46 31.66
C LEU A 296 3.37 11.97 32.02
N THR A 297 2.82 11.15 31.12
CA THR A 297 2.78 9.71 31.26
C THR A 297 3.79 9.06 30.32
N GLU A 298 3.60 7.76 30.06
CA GLU A 298 4.46 6.99 29.17
C GLU A 298 3.90 7.04 27.75
N PRO A 299 4.79 7.08 26.76
CA PRO A 299 4.35 7.23 25.36
C PRO A 299 3.31 6.21 24.98
N ILE A 300 2.56 6.45 23.89
CA ILE A 300 1.50 5.56 23.47
C ILE A 300 1.65 5.11 22.04
N VAL A 301 2.24 5.94 21.18
CA VAL A 301 2.50 5.58 19.78
C VAL A 301 3.79 6.23 19.32
N SER A 302 4.38 5.66 18.27
CA SER A 302 5.54 6.26 17.62
C SER A 302 5.44 6.05 16.11
N PHE A 303 5.17 7.12 15.33
CA PHE A 303 4.94 6.98 13.90
C PHE A 303 5.79 7.95 13.10
N GLU A 304 6.14 7.55 11.88
CA GLU A 304 6.93 8.38 10.97
C GLU A 304 5.98 9.23 10.12
N HIS A 305 6.43 10.45 9.78
CA HIS A 305 5.70 11.32 8.87
C HIS A 305 6.66 11.90 7.86
N ALA A 306 6.38 11.65 6.58
CA ALA A 306 7.33 11.98 5.54
C ALA A 306 7.06 13.37 4.94
N PHE A 307 8.16 14.11 4.74
CA PHE A 307 8.23 15.25 3.86
C PHE A 307 9.19 14.90 2.74
N SER A 308 9.13 15.69 1.68
CA SER A 308 10.03 15.53 0.57
C SER A 308 11.47 15.65 1.03
N HIS A 309 11.76 16.67 1.85
CA HIS A 309 13.12 17.02 2.24
C HIS A 309 13.55 16.40 3.57
N LEU A 310 12.64 15.74 4.29
CA LEU A 310 12.94 15.18 5.59
C LEU A 310 11.77 14.33 6.08
N VAL A 311 12.05 13.48 7.06
CA VAL A 311 11.08 12.55 7.64
C VAL A 311 11.05 12.72 9.15
N TRP A 312 9.87 13.00 9.71
CA TRP A 312 9.70 13.20 11.16
C TRP A 312 9.38 11.88 11.82
N GLN A 313 10.10 11.55 12.89
CA GLN A 313 9.91 10.32 13.67
C GLN A 313 9.22 10.70 14.98
N LEU A 314 7.89 10.71 14.95
CA LEU A 314 7.08 11.25 16.02
C LEU A 314 6.82 10.24 17.14
N THR A 315 6.67 10.78 18.34
CA THR A 315 6.34 10.01 19.52
C THR A 315 5.40 10.85 20.38
N VAL A 316 4.25 10.29 20.72
CA VAL A 316 3.20 11.00 21.46
C VAL A 316 3.26 10.65 22.95
N PHE A 317 3.36 11.68 23.79
CA PHE A 317 3.33 11.51 25.24
C PHE A 317 2.05 12.13 25.78
N PRO A 318 1.06 11.35 26.23
CA PRO A 318 -0.13 11.96 26.84
C PRO A 318 0.23 12.62 28.17
N GLY A 319 -0.73 13.36 28.69
CA GLY A 319 -0.54 14.01 29.98
C GLY A 319 -1.66 14.97 30.29
N ARG A 320 -1.51 15.63 31.46
CA ARG A 320 -2.44 16.65 31.96
C ARG A 320 -1.70 17.88 32.47
N LEU A 321 -2.43 19.01 32.44
CA LEU A 321 -1.88 20.35 32.62
C LEU A 321 -2.63 21.13 33.68
N VAL A 322 -1.89 21.85 34.51
CA VAL A 322 -2.43 22.76 35.51
C VAL A 322 -1.89 24.15 35.24
N HIS A 323 -2.76 25.07 34.89
CA HIS A 323 -2.36 26.43 34.59
C HIS A 323 -2.90 27.39 35.64
N GLY A 324 -2.00 28.16 36.26
CA GLY A 324 -2.43 29.16 37.23
C GLY A 324 -3.22 30.28 36.60
N GLY A 325 -2.91 30.62 35.35
CA GLY A 325 -3.61 31.70 34.70
C GLY A 325 -3.57 31.64 33.18
N PRO A 326 -3.74 32.79 32.55
CA PRO A 326 -3.85 32.84 31.08
C PRO A 326 -2.63 32.26 30.36
N VAL A 327 -2.91 31.30 29.47
CA VAL A 327 -1.89 30.69 28.62
C VAL A 327 -1.42 31.74 27.62
N GLU A 328 -0.17 32.17 27.77
CA GLU A 328 0.33 33.23 26.92
C GLU A 328 0.59 32.67 25.54
N GLU A 329 0.21 33.43 24.55
CA GLU A 329 0.51 33.08 23.18
C GLU A 329 1.99 32.74 23.03
N PRO A 330 2.37 31.96 22.02
CA PRO A 330 1.56 31.37 20.94
C PRO A 330 0.65 30.20 21.33
N TYR A 331 0.58 29.85 22.62
CA TYR A 331 -0.21 28.73 23.07
C TYR A 331 -1.67 29.13 23.30
N ARG A 332 -2.53 28.13 23.22
CA ARG A 332 -3.95 28.25 23.46
C ARG A 332 -4.47 26.96 24.07
N LEU A 333 -5.56 27.07 24.79
CA LEU A 333 -6.30 25.91 25.29
C LEU A 333 -7.62 25.82 24.53
N ALA A 334 -7.89 24.67 23.90
CA ALA A 334 -9.10 24.54 23.09
C ALA A 334 -9.88 23.27 23.43
N PRO A 335 -11.20 23.36 23.64
CA PRO A 335 -11.98 22.14 23.88
C PRO A 335 -11.84 21.15 22.73
N GLU A 336 -12.20 19.90 23.01
CA GLU A 336 -12.08 18.89 21.98
C GLU A 336 -13.04 19.18 20.84
N ASP A 337 -14.24 19.64 21.16
CA ASP A 337 -15.20 19.98 20.12
C ASP A 337 -14.59 20.98 19.15
N GLU A 338 -13.81 21.96 19.66
CA GLU A 338 -13.31 23.11 18.91
C GLU A 338 -11.92 22.91 18.29
N LEU A 339 -11.30 21.73 18.42
CA LEU A 339 -10.09 21.44 17.64
C LEU A 339 -10.39 21.38 16.15
N LYS A 340 -11.58 20.92 15.78
CA LYS A 340 -11.92 20.76 14.37
C LYS A 340 -11.95 22.09 13.63
N ALA A 341 -12.00 23.23 14.34
CA ALA A 341 -11.96 24.51 13.64
C ALA A 341 -10.52 24.88 13.26
N TYR A 342 -9.55 24.60 14.11
CA TYR A 342 -8.19 24.99 13.79
C TYR A 342 -7.62 24.14 12.65
N ALA A 343 -6.70 24.72 11.89
CA ALA A 343 -6.00 23.98 10.85
C ALA A 343 -4.73 23.34 11.38
N PHE A 344 -4.58 22.03 11.17
CA PHE A 344 -3.47 21.21 11.65
C PHE A 344 -2.78 20.55 10.47
N PRO A 345 -1.50 20.26 10.57
CA PRO A 345 -0.85 19.39 9.59
C PRO A 345 -1.29 17.94 9.75
N VAL A 346 -1.16 17.19 8.66
CA VAL A 346 -1.61 15.79 8.66
C VAL A 346 -0.91 15.00 9.75
N SER A 347 0.35 15.34 10.04
CA SER A 347 1.11 14.66 11.09
C SER A 347 0.43 14.83 12.45
N HIS A 348 0.09 16.07 12.80
CA HIS A 348 -0.56 16.30 14.08
C HIS A 348 -2.05 16.02 14.06
N GLN A 349 -2.66 15.79 12.89
CA GLN A 349 -4.01 15.23 12.86
C GLN A 349 -3.97 13.75 13.28
N ARG A 350 -2.92 13.06 12.84
CA ARG A 350 -2.66 11.70 13.27
C ARG A 350 -2.35 11.65 14.76
N VAL A 351 -1.52 12.58 15.24
CA VAL A 351 -1.22 12.66 16.68
C VAL A 351 -2.49 12.65 17.50
N TRP A 352 -3.52 13.36 17.03
CA TRP A 352 -4.76 13.45 17.79
C TRP A 352 -5.58 12.18 17.67
N ARG A 353 -5.54 11.51 16.52
CA ARG A 353 -6.25 10.26 16.38
C ARG A 353 -5.67 9.21 17.32
N GLU A 354 -4.35 9.08 17.34
CA GLU A 354 -3.74 8.06 18.17
C GLU A 354 -3.95 8.34 19.67
N TYR A 355 -4.13 9.60 20.04
CA TYR A 355 -4.44 9.92 21.42
C TYR A 355 -5.91 9.69 21.72
N LYS A 356 -6.78 9.87 20.75
CA LYS A 356 -8.20 9.79 21.00
C LYS A 356 -8.66 8.35 21.03
N GLU A 357 -8.04 7.48 20.24
CA GLU A 357 -8.42 6.08 20.33
C GLU A 357 -7.71 5.42 21.51
N TRP A 358 -6.57 5.95 21.95
CA TRP A 358 -5.88 5.43 23.13
C TRP A 358 -6.79 5.39 24.35
N ALA A 359 -7.82 6.23 24.42
CA ALA A 359 -8.82 6.16 25.51
C ALA A 359 -9.83 5.02 25.28
P 8OG B 6 5.44 23.22 3.67
OP1 8OG B 6 5.06 24.13 2.51
OP2 8OG B 6 4.84 23.44 4.97
O5' 8OG B 6 5.50 21.67 3.29
C5' 8OG B 6 5.17 20.58 4.20
C4' 8OG B 6 3.83 19.98 3.83
O4' 8OG B 6 3.77 19.67 2.41
C3' 8OG B 6 3.43 18.69 4.55
O3' 8OG B 6 2.01 18.76 4.75
C2' 8OG B 6 3.82 17.59 3.56
C1' 8OG B 6 3.54 18.27 2.22
N9 8OG B 6 4.29 17.85 1.05
C8 8OG B 6 5.62 17.53 0.94
N7 8OG B 6 5.98 17.24 -0.35
C5 8OG B 6 4.82 17.40 -1.07
C6 8OG B 6 4.59 17.25 -2.45
O6 8OG B 6 5.38 16.94 -3.33
N1 8OG B 6 3.27 17.51 -2.78
C2 8OG B 6 2.31 17.91 -1.89
N2 8OG B 6 1.09 18.14 -2.41
N3 8OG B 6 2.50 18.08 -0.59
C4 8OG B 6 3.77 17.80 -0.25
O8 8OG B 6 6.39 17.49 1.89
H5' 8OG B 6 5.14 20.96 5.23
H5'' 8OG B 6 5.95 19.82 4.15
H4' 8OG B 6 3.08 20.74 4.08
H3' 8OG B 6 3.99 18.51 5.48
H2' 8OG B 6 3.22 16.70 3.70
H2'' 8OG B 6 4.87 17.32 3.66
H1' 8OG B 6 2.47 18.06 2.02
H7 8OG B 6 6.91 16.98 -0.71
H1 8OG B 6 3.04 17.44 -3.77
H21 8OG B 6 0.33 18.42 -1.83
H22 8OG B 6 0.95 18.02 -3.40
N GLU D 4 19.80 -29.08 -21.99
CA GLU D 4 19.72 -29.71 -20.67
C GLU D 4 20.84 -29.14 -19.80
N THR D 5 21.34 -29.97 -18.88
CA THR D 5 22.52 -29.64 -18.08
C THR D 5 23.76 -30.41 -18.56
N GLU D 6 23.91 -30.61 -19.89
CA GLU D 6 25.00 -31.46 -20.39
C GLU D 6 26.37 -30.85 -20.07
N ARG D 7 26.59 -29.60 -20.49
CA ARG D 7 27.89 -28.96 -20.32
C ARG D 7 28.00 -28.15 -19.03
N PHE D 8 27.16 -28.48 -18.00
CA PHE D 8 27.03 -27.65 -16.80
C PHE D 8 28.11 -28.00 -15.79
N PRO D 9 28.79 -27.00 -15.22
CA PRO D 9 29.79 -27.30 -14.18
C PRO D 9 29.10 -27.46 -12.82
N ALA D 10 28.53 -28.65 -12.60
CA ALA D 10 27.66 -28.82 -11.45
C ALA D 10 28.44 -28.63 -10.17
N ARG D 11 29.69 -29.06 -10.15
CA ARG D 11 30.48 -28.96 -8.94
C ARG D 11 30.89 -27.51 -8.67
N GLU D 12 31.31 -26.80 -9.70
CA GLU D 12 31.61 -25.39 -9.52
C GLU D 12 30.37 -24.66 -9.05
N PHE D 13 29.22 -25.04 -9.60
CA PHE D 13 27.98 -24.44 -9.19
C PHE D 13 27.73 -24.69 -7.71
N GLN D 14 27.90 -25.93 -7.26
CA GLN D 14 27.61 -26.30 -5.87
C GLN D 14 28.51 -25.57 -4.89
N ARG D 15 29.82 -25.48 -5.20
CA ARG D 15 30.76 -24.74 -4.36
C ARG D 15 30.29 -23.30 -4.18
N ASP D 16 30.02 -22.60 -5.27
CA ASP D 16 29.68 -21.19 -5.16
C ASP D 16 28.33 -20.98 -4.49
N LEU D 17 27.39 -21.90 -4.66
CA LEU D 17 26.06 -21.70 -4.08
C LEU D 17 26.07 -22.01 -2.60
N LEU D 18 26.75 -23.08 -2.19
CA LEU D 18 26.73 -23.45 -0.79
C LEU D 18 27.60 -22.53 0.04
N ASP D 19 28.57 -21.87 -0.58
CA ASP D 19 29.37 -20.88 0.13
C ASP D 19 28.58 -19.62 0.40
N TRP D 20 27.81 -19.15 -0.58
CA TRP D 20 26.89 -18.05 -0.35
C TRP D 20 25.89 -18.38 0.76
N PHE D 21 25.28 -19.59 0.71
CA PHE D 21 24.24 -19.94 1.67
C PHE D 21 24.79 -19.90 3.10
N ALA D 22 26.00 -20.37 3.28
CA ALA D 22 26.61 -20.41 4.59
C ALA D 22 26.78 -19.01 5.18
N ARG D 23 27.08 -18.02 4.36
CA ARG D 23 27.32 -16.71 4.93
C ARG D 23 26.07 -15.84 4.94
N GLU D 24 25.02 -16.23 4.21
CA GLU D 24 23.81 -15.43 4.03
C GLU D 24 22.52 -16.11 4.46
N ARG D 25 22.56 -17.35 4.92
CA ARG D 25 21.38 -18.01 5.45
C ARG D 25 20.71 -17.18 6.56
N ARG D 26 19.45 -16.79 6.31
CA ARG D 26 18.66 -16.09 7.31
C ARG D 26 18.52 -16.92 8.58
N ASP D 27 18.40 -16.25 9.71
CA ASP D 27 18.21 -16.93 10.99
C ASP D 27 16.71 -16.99 11.23
N LEU D 28 16.16 -18.20 11.18
CA LEU D 28 14.74 -18.49 11.29
C LEU D 28 14.50 -19.59 12.31
N PRO D 29 13.30 -19.69 12.85
CA PRO D 29 13.08 -20.69 13.92
C PRO D 29 13.05 -22.17 13.52
N TRP D 30 12.73 -22.53 12.26
CA TRP D 30 12.77 -23.94 11.83
C TRP D 30 14.17 -24.41 11.44
N ARG D 31 15.17 -23.53 11.57
CA ARG D 31 16.57 -23.78 11.24
C ARG D 31 17.40 -24.00 12.50
N LYS D 32 16.72 -24.06 13.64
CA LYS D 32 17.37 -24.31 14.90
C LYS D 32 17.82 -25.76 15.02
N ASP D 33 17.12 -26.67 14.33
CA ASP D 33 17.48 -28.09 14.30
C ASP D 33 16.92 -28.70 13.03
N ARG D 34 17.14 -30.01 12.87
CA ARG D 34 16.64 -30.80 11.75
C ARG D 34 15.59 -31.82 12.20
N ASP D 35 14.86 -31.51 13.27
CA ASP D 35 13.75 -32.32 13.75
C ASP D 35 12.69 -32.51 12.68
N PRO D 36 12.41 -33.74 12.27
CA PRO D 36 11.49 -33.93 11.12
C PRO D 36 10.13 -33.32 11.34
N TYR D 37 9.61 -33.39 12.56
CA TYR D 37 8.35 -32.71 12.87
C TYR D 37 8.45 -31.22 12.59
N LYS D 38 9.42 -30.55 13.19
CA LYS D 38 9.45 -29.11 13.03
C LYS D 38 9.73 -28.71 11.59
N VAL D 39 10.54 -29.47 10.86
CA VAL D 39 10.72 -29.20 9.44
C VAL D 39 9.38 -29.36 8.71
N TRP D 40 8.61 -30.34 9.11
CA TRP D 40 7.35 -30.59 8.44
C TRP D 40 6.35 -29.48 8.74
N VAL D 41 6.27 -29.03 9.97
CA VAL D 41 5.34 -27.97 10.29
C VAL D 41 5.70 -26.71 9.51
N SER D 42 6.98 -26.40 9.42
CA SER D 42 7.41 -25.22 8.68
C SER D 42 7.04 -25.36 7.21
N SER D 43 7.42 -26.47 6.59
CA SER D 43 7.12 -26.67 5.18
C SER D 43 5.65 -26.45 4.89
N VAL D 44 4.79 -26.82 5.81
CA VAL D 44 3.37 -26.68 5.53
C VAL D 44 2.97 -25.23 5.67
N MET D 45 3.32 -24.61 6.80
CA MET D 45 3.02 -23.19 6.99
C MET D 45 3.51 -22.30 5.86
N LEU D 46 4.63 -22.67 5.26
CA LEU D 46 5.23 -21.87 4.20
C LEU D 46 4.50 -22.05 2.87
N GLN D 47 3.62 -23.01 2.77
CA GLN D 47 3.03 -23.26 1.47
C GLN D 47 2.23 -22.04 1.06
N GLN D 48 2.67 -21.32 0.02
CA GLN D 48 1.98 -20.11 -0.48
C GLN D 48 1.86 -19.04 0.61
N THR D 49 2.93 -18.85 1.37
CA THR D 49 2.95 -17.93 2.49
C THR D 49 4.39 -17.50 2.68
N ARG D 50 4.60 -16.18 2.70
CA ARG D 50 5.90 -15.57 2.87
C ARG D 50 6.55 -16.04 4.16
N VAL D 51 7.88 -16.07 4.16
CA VAL D 51 8.60 -16.35 5.38
C VAL D 51 8.26 -15.38 6.50
N GLU D 52 8.23 -14.08 6.23
CA GLU D 52 7.98 -13.11 7.30
C GLU D 52 6.62 -13.32 7.92
N THR D 53 5.61 -13.60 7.11
CA THR D 53 4.32 -13.91 7.70
C THR D 53 4.41 -15.12 8.65
N VAL D 54 5.23 -16.11 8.31
CA VAL D 54 5.15 -17.42 8.98
C VAL D 54 5.84 -17.39 10.37
N ILE D 55 6.87 -16.54 10.57
CA ILE D 55 7.73 -16.66 11.75
C ILE D 55 6.94 -16.66 13.06
N PRO D 56 6.01 -15.73 13.30
CA PRO D 56 5.33 -15.75 14.58
C PRO D 56 4.42 -16.95 14.74
N TYR D 57 3.72 -17.34 13.68
CA TYR D 57 2.83 -18.49 13.75
C TYR D 57 3.57 -19.77 14.13
N PHE D 58 4.75 -20.00 13.54
CA PHE D 58 5.57 -21.16 13.88
C PHE D 58 5.94 -21.16 15.34
N GLU D 59 6.40 -20.00 15.80
CA GLU D 59 6.80 -19.86 17.19
C GLU D 59 5.64 -20.24 18.12
N GLN D 60 4.45 -19.67 17.87
CA GLN D 60 3.34 -19.94 18.76
C GLN D 60 2.82 -21.35 18.58
N PHE D 61 2.93 -21.90 17.38
CA PHE D 61 2.37 -23.22 17.14
C PHE D 61 3.16 -24.27 17.88
N ILE D 62 4.48 -24.18 17.81
CA ILE D 62 5.32 -25.17 18.45
C ILE D 62 5.23 -25.05 19.97
N ASP D 63 5.07 -23.82 20.47
CA ASP D 63 4.77 -23.66 21.88
C ASP D 63 3.56 -24.48 22.26
N ARG D 64 2.49 -24.33 21.50
CA ARG D 64 1.26 -24.99 21.84
C ARG D 64 1.36 -26.50 21.66
N PHE D 65 2.10 -26.94 20.64
CA PHE D 65 2.19 -28.35 20.27
C PHE D 65 3.65 -28.62 20.02
N PRO D 66 4.41 -28.89 21.06
CA PRO D 66 5.86 -29.02 20.92
C PRO D 66 6.32 -30.23 20.13
N THR D 67 5.49 -31.24 20.02
CA THR D 67 5.90 -32.45 19.35
C THR D 67 4.75 -32.97 18.51
N LEU D 68 5.10 -33.93 17.68
CA LEU D 68 4.11 -34.55 16.84
C LEU D 68 3.00 -35.17 17.69
N GLU D 69 3.37 -35.81 18.82
CA GLU D 69 2.35 -36.44 19.66
C GLU D 69 1.45 -35.40 20.29
N ALA D 70 1.99 -34.23 20.57
CA ALA D 70 1.19 -33.15 21.11
C ALA D 70 0.17 -32.66 20.08
N LEU D 71 0.58 -32.58 18.83
CA LEU D 71 -0.35 -32.16 17.80
C LEU D 71 -1.37 -33.25 17.51
N ALA D 72 -0.97 -34.50 17.59
CA ALA D 72 -1.95 -35.54 17.35
C ALA D 72 -2.97 -35.67 18.47
N ASP D 73 -2.57 -35.44 19.73
CA ASP D 73 -3.48 -35.50 20.86
C ASP D 73 -4.41 -34.30 20.94
N ALA D 74 -4.05 -33.22 20.25
CA ALA D 74 -4.78 -31.96 20.34
C ALA D 74 -6.13 -32.06 19.62
N ASP D 75 -6.99 -31.09 19.93
CA ASP D 75 -8.33 -31.03 19.34
C ASP D 75 -8.30 -30.33 17.99
N GLU D 76 -9.31 -30.63 17.18
CA GLU D 76 -9.41 -29.98 15.90
C GLU D 76 -9.57 -28.47 16.07
N ASP D 77 -10.26 -28.03 17.13
CA ASP D 77 -10.51 -26.60 17.31
C ASP D 77 -9.26 -25.87 17.79
N GLU D 78 -8.46 -26.53 18.66
CA GLU D 78 -7.23 -25.91 19.14
C GLU D 78 -6.27 -25.69 18.00
N VAL D 79 -6.18 -26.67 17.12
CA VAL D 79 -5.24 -26.63 16.03
C VAL D 79 -5.66 -25.58 15.04
N LEU D 80 -6.94 -25.48 14.81
CA LEU D 80 -7.39 -24.47 13.88
C LEU D 80 -7.16 -23.08 14.46
N LYS D 81 -7.40 -22.90 15.77
CA LYS D 81 -7.18 -21.59 16.37
C LYS D 81 -5.71 -21.21 16.33
N ALA D 82 -4.82 -22.17 16.32
CA ALA D 82 -3.44 -21.79 16.20
C ALA D 82 -3.07 -21.40 14.76
N TRP D 83 -3.94 -21.69 13.79
CA TRP D 83 -3.71 -21.32 12.40
C TRP D 83 -4.46 -20.07 11.97
N GLU D 84 -5.36 -19.55 12.81
CA GLU D 84 -6.14 -18.36 12.49
C GLU D 84 -5.27 -17.27 11.87
N GLY D 85 -5.69 -16.77 10.72
CA GLY D 85 -5.01 -15.71 10.03
C GLY D 85 -4.06 -16.16 8.94
N LEU D 86 -3.60 -17.43 8.97
CA LEU D 86 -2.64 -17.89 7.98
C LEU D 86 -3.29 -18.09 6.62
N GLY D 87 -4.53 -18.51 6.59
CA GLY D 87 -5.19 -18.84 5.35
C GLY D 87 -4.96 -20.29 4.97
N TYR D 88 -5.48 -20.63 3.79
CA TYR D 88 -5.51 -22.00 3.28
C TYR D 88 -5.57 -23.04 4.41
N TYR D 89 -6.66 -22.97 5.17
CA TYR D 89 -6.74 -23.59 6.48
C TYR D 89 -6.85 -25.12 6.43
N SER D 90 -7.10 -25.70 5.27
CA SER D 90 -7.02 -27.15 5.09
C SER D 90 -5.60 -27.71 5.24
N ARG D 91 -4.57 -26.89 5.08
CA ARG D 91 -3.21 -27.36 5.34
C ARG D 91 -3.07 -27.97 6.73
N VAL D 92 -3.70 -27.34 7.74
CA VAL D 92 -3.57 -27.76 9.15
C VAL D 92 -4.47 -28.97 9.44
N ARG D 93 -5.67 -29.01 8.84
CA ARG D 93 -6.51 -30.18 9.05
C ARG D 93 -5.85 -31.42 8.47
N ASN D 94 -5.17 -31.26 7.34
CA ASN D 94 -4.45 -32.39 6.75
C ASN D 94 -3.24 -32.77 7.58
N LEU D 95 -2.54 -31.77 8.12
CA LEU D 95 -1.35 -32.07 8.92
C LEU D 95 -1.76 -32.68 10.25
N HIS D 96 -2.86 -32.23 10.80
CA HIS D 96 -3.35 -32.85 12.02
C HIS D 96 -3.67 -34.30 11.75
N ALA D 97 -4.42 -34.56 10.68
CA ALA D 97 -4.75 -35.94 10.31
C ALA D 97 -3.52 -36.74 10.00
N ALA D 98 -2.51 -36.11 9.43
CA ALA D 98 -1.31 -36.82 9.02
C ALA D 98 -0.47 -37.18 10.23
N VAL D 99 -0.32 -36.27 11.19
CA VAL D 99 0.44 -36.60 12.39
C VAL D 99 -0.32 -37.66 13.18
N LYS D 100 -1.66 -37.67 13.15
CA LYS D 100 -2.40 -38.71 13.83
C LYS D 100 -2.11 -40.07 13.19
N GLU D 101 -1.94 -40.10 11.86
CA GLU D 101 -1.54 -41.33 11.18
C GLU D 101 -0.12 -41.73 11.55
N VAL D 102 0.82 -40.78 11.55
CA VAL D 102 2.18 -41.14 11.96
C VAL D 102 2.22 -41.64 13.39
N LYS D 103 1.36 -41.12 14.27
CA LYS D 103 1.34 -41.61 15.65
C LYS D 103 0.85 -43.05 15.71
N THR D 104 -0.29 -43.35 15.07
CA THR D 104 -0.94 -44.65 15.21
C THR D 104 -0.48 -45.70 14.21
N ARG D 105 0.33 -45.33 13.22
CA ARG D 105 0.75 -46.28 12.19
C ARG D 105 2.25 -46.36 12.01
N TYR D 106 3.02 -45.42 12.53
CA TYR D 106 4.47 -45.43 12.36
C TYR D 106 5.20 -45.16 13.69
N GLY D 107 4.52 -45.29 14.81
CA GLY D 107 5.21 -45.21 16.08
C GLY D 107 5.72 -43.84 16.38
N GLY D 108 5.17 -42.82 15.75
CA GLY D 108 5.58 -41.48 16.01
C GLY D 108 6.77 -41.02 15.20
N LYS D 109 7.48 -41.92 14.50
CA LYS D 109 8.65 -41.55 13.69
C LYS D 109 8.21 -41.14 12.28
N VAL D 110 8.34 -39.87 11.94
CA VAL D 110 8.05 -39.38 10.58
C VAL D 110 8.72 -40.31 9.57
N PRO D 111 7.97 -40.92 8.66
CA PRO D 111 8.56 -41.81 7.65
C PRO D 111 9.67 -41.17 6.83
N ASP D 112 10.73 -41.94 6.56
CA ASP D 112 11.84 -41.48 5.77
C ASP D 112 11.87 -42.12 4.40
N ASP D 113 10.78 -42.75 4.01
CA ASP D 113 10.64 -43.25 2.66
C ASP D 113 9.74 -42.31 1.88
N PRO D 114 10.22 -41.75 0.77
CA PRO D 114 9.41 -40.75 0.03
C PRO D 114 7.96 -41.15 -0.26
N ASP D 115 7.74 -42.40 -0.66
CA ASP D 115 6.42 -42.82 -1.10
C ASP D 115 5.49 -43.02 0.07
N GLU D 116 6.03 -43.47 1.18
CA GLU D 116 5.19 -43.55 2.36
C GLU D 116 5.00 -42.15 2.96
N PHE D 117 6.01 -41.29 2.96
CA PHE D 117 5.78 -39.95 3.48
C PHE D 117 4.79 -39.18 2.59
N SER D 118 4.92 -39.28 1.23
CA SER D 118 4.01 -38.55 0.33
C SER D 118 2.55 -39.05 0.41
N ARG D 119 2.29 -40.18 1.03
CA ARG D 119 0.93 -40.68 1.16
C ARG D 119 0.19 -40.12 2.37
N LEU D 120 0.82 -39.27 3.17
CA LEU D 120 0.14 -38.58 4.25
C LEU D 120 -0.56 -37.34 3.72
N LYS D 121 -1.74 -37.08 4.27
CA LYS D 121 -2.55 -35.96 3.80
C LYS D 121 -1.78 -34.65 3.94
N GLY D 122 -1.75 -33.87 2.84
CA GLY D 122 -1.04 -32.61 2.77
C GLY D 122 0.35 -32.67 2.19
N VAL D 123 0.92 -33.84 1.96
CA VAL D 123 2.34 -33.99 1.64
C VAL D 123 2.46 -34.17 0.13
N GLY D 124 2.85 -33.12 -0.56
CA GLY D 124 3.02 -33.15 -1.98
C GLY D 124 4.48 -33.19 -2.26
N PRO D 125 4.83 -32.97 -3.52
CA PRO D 125 6.24 -33.10 -3.95
C PRO D 125 7.21 -32.10 -3.36
N TYR D 126 6.80 -30.86 -3.14
CA TYR D 126 7.64 -29.93 -2.43
C TYR D 126 7.85 -30.36 -0.97
N THR D 127 6.77 -30.72 -0.27
CA THR D 127 6.90 -31.13 1.14
C THR D 127 7.71 -32.42 1.28
N VAL D 128 7.56 -33.36 0.34
CA VAL D 128 8.36 -34.58 0.38
C VAL D 128 9.84 -34.24 0.41
N GLY D 129 10.24 -33.28 -0.42
CA GLY D 129 11.66 -32.95 -0.56
C GLY D 129 12.20 -32.15 0.61
N ALA D 130 11.46 -31.11 1.03
CA ALA D 130 11.93 -30.27 2.12
C ALA D 130 12.14 -31.04 3.41
N VAL D 131 11.27 -32.01 3.71
CA VAL D 131 11.38 -32.77 4.94
C VAL D 131 12.37 -33.91 4.81
N LEU D 132 12.42 -34.58 3.71
CA LEU D 132 13.27 -35.76 3.71
C LEU D 132 14.70 -35.38 3.49
N SER D 133 14.94 -34.33 2.74
CA SER D 133 16.31 -33.92 2.52
C SER D 133 16.89 -33.25 3.75
N LEU D 134 16.08 -32.39 4.41
CA LEU D 134 16.54 -31.61 5.55
C LEU D 134 16.68 -32.48 6.79
N ALA D 135 15.77 -33.41 7.01
CA ALA D 135 15.79 -34.17 8.25
C ALA D 135 16.42 -35.55 8.11
N TYR D 136 16.44 -36.12 6.92
CA TYR D 136 17.03 -37.44 6.76
C TYR D 136 18.15 -37.48 5.74
N GLY D 137 18.44 -36.37 5.08
CA GLY D 137 19.48 -36.48 4.08
C GLY D 137 19.07 -37.23 2.83
N VAL D 138 17.78 -37.37 2.60
CA VAL D 138 17.30 -37.97 1.36
C VAL D 138 17.53 -37.01 0.19
N PRO D 139 18.04 -37.50 -0.96
CA PRO D 139 18.26 -36.61 -2.12
C PRO D 139 17.01 -36.42 -2.99
N GLU D 140 15.95 -35.89 -2.38
CA GLU D 140 14.73 -35.56 -3.12
C GLU D 140 14.72 -34.11 -3.50
N PRO D 141 14.26 -33.78 -4.69
CA PRO D 141 14.11 -32.38 -5.05
C PRO D 141 12.95 -31.74 -4.31
N ALA D 142 13.13 -30.50 -3.90
CA ALA D 142 12.13 -29.74 -3.15
C ALA D 142 11.84 -28.48 -3.94
N VAL D 143 11.02 -28.65 -4.98
CA VAL D 143 10.84 -27.60 -5.98
C VAL D 143 9.65 -26.71 -5.69
N ASP D 144 9.91 -25.44 -5.45
CA ASP D 144 8.85 -24.49 -5.15
C ASP D 144 8.90 -23.30 -6.09
N GLY D 145 8.05 -22.30 -5.84
CA GLY D 145 8.03 -21.12 -6.69
C GLY D 145 9.38 -20.48 -6.81
N ASN D 146 10.12 -20.43 -5.73
CA ASN D 146 11.47 -19.86 -5.76
C ASN D 146 12.38 -20.66 -6.68
N VAL D 147 12.36 -21.98 -6.54
CA VAL D 147 13.31 -22.83 -7.27
C VAL D 147 12.96 -22.84 -8.76
N MET D 148 11.69 -23.02 -9.09
CA MET D 148 11.29 -22.91 -10.48
C MET D 148 11.73 -21.58 -11.06
N ARG D 149 11.43 -20.46 -10.39
CA ARG D 149 11.92 -19.19 -10.87
C ARG D 149 13.45 -19.23 -11.07
N VAL D 150 14.20 -19.61 -10.03
CA VAL D 150 15.65 -19.59 -10.13
C VAL D 150 16.10 -20.49 -11.27
N LEU D 151 15.52 -21.68 -11.40
CA LEU D 151 16.03 -22.62 -12.39
C LEU D 151 15.70 -22.14 -13.79
N SER D 152 14.45 -21.70 -14.01
CA SER D 152 14.06 -21.23 -15.32
C SER D 152 14.97 -20.13 -15.83
N ARG D 153 15.72 -19.46 -14.95
CA ARG D 153 16.67 -18.40 -15.33
C ARG D 153 18.06 -18.97 -15.61
N LEU D 154 18.56 -19.82 -14.73
CA LEU D 154 19.85 -20.44 -14.96
C LEU D 154 19.87 -21.21 -16.27
N PHE D 155 18.81 -21.94 -16.59
CA PHE D 155 18.76 -22.89 -17.72
C PHE D 155 17.86 -22.42 -18.86
N LEU D 156 17.29 -21.24 -18.75
CA LEU D 156 16.48 -20.62 -19.79
C LEU D 156 15.32 -21.52 -20.23
N VAL D 157 14.48 -21.86 -19.26
CA VAL D 157 13.24 -22.58 -19.52
C VAL D 157 12.17 -21.52 -19.76
N THR D 158 11.73 -21.43 -21.00
CA THR D 158 10.74 -20.45 -21.38
C THR D 158 9.31 -21.01 -21.41
N ASP D 159 9.10 -22.20 -20.88
CA ASP D 159 7.78 -22.81 -20.85
C ASP D 159 7.06 -22.56 -19.53
N ASP D 160 5.74 -22.58 -19.60
CA ASP D 160 4.92 -22.34 -18.42
C ASP D 160 5.35 -23.26 -17.31
N ILE D 161 5.76 -22.68 -16.19
CA ILE D 161 6.12 -23.51 -15.05
C ILE D 161 4.92 -24.30 -14.51
N ALA D 162 3.71 -23.91 -14.88
CA ALA D 162 2.55 -24.62 -14.38
C ALA D 162 2.32 -25.95 -15.07
N LYS D 163 2.79 -26.12 -16.30
CA LYS D 163 2.65 -27.38 -17.05
C LYS D 163 3.37 -28.55 -16.39
N PRO D 164 2.85 -29.80 -16.55
CA PRO D 164 3.49 -30.98 -15.92
C PRO D 164 4.76 -31.42 -16.61
N SER D 165 4.91 -31.11 -17.87
CA SER D 165 6.18 -31.41 -18.51
C SER D 165 7.29 -30.56 -17.93
N THR D 166 7.02 -29.27 -17.72
CA THR D 166 8.03 -28.36 -17.17
C THR D 166 8.41 -28.82 -15.76
N ARG D 167 7.42 -29.08 -14.93
CA ARG D 167 7.69 -29.58 -13.58
C ARG D 167 8.59 -30.79 -13.66
N LYS D 168 8.23 -31.76 -14.49
CA LYS D 168 9.10 -32.92 -14.60
C LYS D 168 10.50 -32.48 -15.00
N ARG D 169 10.59 -31.52 -15.90
CA ARG D 169 11.88 -31.00 -16.34
C ARG D 169 12.69 -30.40 -15.17
N PHE D 170 12.07 -29.60 -14.32
CA PHE D 170 12.80 -29.09 -13.16
C PHE D 170 13.28 -30.21 -12.23
N GLU D 171 12.39 -31.17 -11.91
CA GLU D 171 12.79 -32.33 -11.12
C GLU D 171 14.14 -32.87 -11.60
N GLN D 172 14.32 -33.07 -12.92
CA GLN D 172 15.53 -33.74 -13.41
C GLN D 172 16.74 -32.84 -13.36
N ILE D 173 16.54 -31.56 -13.63
CA ILE D 173 17.62 -30.61 -13.45
C ILE D 173 18.22 -30.72 -12.05
N VAL D 174 17.37 -30.78 -11.04
CA VAL D 174 17.86 -30.86 -9.67
C VAL D 174 18.64 -32.15 -9.45
N ARG D 175 18.03 -33.28 -9.80
CA ARG D 175 18.74 -34.53 -9.64
C ARG D 175 20.04 -34.56 -10.42
N GLU D 176 20.20 -33.74 -11.47
CA GLU D 176 21.48 -33.73 -12.17
C GLU D 176 22.50 -32.83 -11.49
N ILE D 177 22.08 -31.69 -10.93
CA ILE D 177 23.02 -30.70 -10.37
C ILE D 177 23.03 -30.70 -8.86
N MET D 178 22.14 -31.46 -8.25
CA MET D 178 22.08 -31.50 -6.81
C MET D 178 23.39 -32.02 -6.24
N ALA D 179 23.79 -31.49 -5.10
CA ALA D 179 24.99 -31.95 -4.40
C ALA D 179 24.62 -33.11 -3.48
N TYR D 180 24.96 -34.34 -3.86
CA TYR D 180 24.43 -35.49 -3.15
C TYR D 180 25.14 -35.72 -1.82
N GLU D 181 26.25 -35.03 -1.59
CA GLU D 181 26.83 -35.00 -0.26
C GLU D 181 25.81 -34.56 0.78
N ASN D 182 25.12 -33.44 0.51
CA ASN D 182 24.22 -32.77 1.46
C ASN D 182 23.01 -32.26 0.71
N PRO D 183 22.14 -33.16 0.32
CA PRO D 183 20.93 -32.71 -0.38
C PRO D 183 20.15 -31.64 0.37
N GLY D 184 20.19 -31.64 1.69
CA GLY D 184 19.30 -30.73 2.40
C GLY D 184 19.72 -29.30 2.22
N ALA D 185 21.00 -29.03 2.38
CA ALA D 185 21.47 -27.67 2.24
C ALA D 185 21.41 -27.18 0.80
N PHE D 186 21.59 -28.07 -0.18
CA PHE D 186 21.46 -27.61 -1.55
C PHE D 186 20.03 -27.17 -1.83
N ASN D 187 19.05 -27.98 -1.42
CA ASN D 187 17.65 -27.61 -1.63
C ASN D 187 17.33 -26.30 -0.93
N GLU D 188 17.81 -26.15 0.29
CA GLU D 188 17.50 -24.94 1.05
C GLU D 188 18.24 -23.76 0.45
N ALA D 189 19.42 -24.00 -0.09
CA ALA D 189 20.16 -22.90 -0.72
C ALA D 189 19.42 -22.37 -1.95
N LEU D 190 19.06 -23.24 -2.90
CA LEU D 190 18.30 -22.79 -4.06
C LEU D 190 17.05 -22.02 -3.66
N ILE D 191 16.41 -22.43 -2.59
CA ILE D 191 15.25 -21.67 -2.19
C ILE D 191 15.68 -20.32 -1.71
N GLU D 192 16.79 -20.28 -0.97
CA GLU D 192 17.25 -19.04 -0.38
C GLU D 192 17.75 -18.11 -1.45
N LEU D 193 18.24 -18.63 -2.56
CA LEU D 193 18.66 -17.79 -3.65
C LEU D 193 17.46 -17.10 -4.28
N GLY D 194 16.33 -17.77 -4.40
CA GLY D 194 15.21 -17.08 -4.96
C GLY D 194 14.51 -16.19 -3.97
N ALA D 195 14.70 -16.46 -2.68
CA ALA D 195 14.04 -15.66 -1.65
C ALA D 195 14.80 -14.38 -1.35
N LEU D 196 16.13 -14.35 -1.58
CA LEU D 196 16.99 -13.23 -1.24
C LEU D 196 17.67 -12.52 -2.41
N VAL D 197 17.83 -13.17 -3.56
CA VAL D 197 18.62 -12.58 -4.64
C VAL D 197 17.86 -12.63 -5.95
N CYS D 198 17.45 -13.84 -6.34
CA CYS D 198 16.74 -14.09 -7.60
C CYS D 198 15.24 -13.87 -7.41
N THR D 199 14.91 -12.63 -7.07
CA THR D 199 13.59 -12.22 -6.67
C THR D 199 12.71 -12.07 -7.90
N PRO D 200 11.39 -12.28 -7.77
CA PRO D 200 10.51 -12.11 -8.95
C PRO D 200 10.72 -10.83 -9.73
N ARG D 201 10.85 -9.69 -9.04
CA ARG D 201 11.01 -8.39 -9.68
C ARG D 201 12.40 -7.86 -9.35
N ARG D 202 13.05 -7.32 -10.37
CA ARG D 202 14.35 -6.68 -10.29
C ARG D 202 15.32 -7.54 -9.51
N PRO D 203 15.66 -8.71 -10.04
CA PRO D 203 16.61 -9.60 -9.38
C PRO D 203 17.98 -8.96 -9.23
N SER D 204 18.69 -9.34 -8.17
CA SER D 204 20.00 -8.75 -7.81
C SER D 204 21.16 -9.51 -8.47
N CYS D 205 21.10 -9.59 -9.81
CA CYS D 205 22.07 -10.41 -10.55
C CYS D 205 23.51 -9.99 -10.28
N LEU D 206 23.75 -8.73 -9.93
CA LEU D 206 25.10 -8.29 -9.62
C LEU D 206 25.57 -8.82 -8.28
N LEU D 207 24.64 -9.13 -7.38
CA LEU D 207 24.95 -9.68 -6.07
C LEU D 207 24.82 -11.19 -6.04
N CYS D 208 24.79 -11.84 -7.21
CA CYS D 208 24.47 -13.26 -7.29
C CYS D 208 25.74 -14.10 -7.22
N PRO D 209 25.79 -15.09 -6.34
CA PRO D 209 26.98 -15.95 -6.26
C PRO D 209 27.15 -16.87 -7.47
N VAL D 210 26.10 -17.07 -8.29
CA VAL D 210 26.09 -18.01 -9.41
C VAL D 210 25.87 -17.30 -10.74
N GLN D 211 26.08 -15.98 -10.76
CA GLN D 211 25.87 -15.21 -11.98
C GLN D 211 26.62 -15.79 -13.18
N ALA D 212 27.77 -16.43 -12.95
CA ALA D 212 28.58 -17.03 -14.02
C ALA D 212 27.96 -18.27 -14.63
N TYR D 213 26.96 -18.89 -13.99
CA TYR D 213 26.34 -20.08 -14.53
C TYR D 213 25.00 -19.78 -15.17
N CYS D 214 24.61 -18.51 -15.24
CA CYS D 214 23.22 -18.16 -15.53
C CYS D 214 23.04 -17.84 -17.01
N GLN D 215 22.18 -18.61 -17.69
CA GLN D 215 21.90 -18.38 -19.09
C GLN D 215 21.06 -17.12 -19.28
N ALA D 216 20.17 -16.83 -18.34
CA ALA D 216 19.28 -15.66 -18.49
C ALA D 216 20.04 -14.35 -18.27
N PHE D 217 21.01 -14.34 -17.35
CA PHE D 217 21.83 -13.15 -17.13
C PHE D 217 22.73 -12.88 -18.33
N ALA D 218 23.25 -13.93 -18.95
CA ALA D 218 23.93 -13.77 -20.23
C ALA D 218 23.00 -13.12 -21.25
N GLU D 219 21.91 -13.79 -21.56
CA GLU D 219 21.02 -13.34 -22.63
C GLU D 219 20.16 -12.14 -22.23
N GLY D 220 20.22 -11.72 -20.96
CA GLY D 220 19.52 -10.52 -20.51
C GLY D 220 18.01 -10.62 -20.61
N VAL D 221 17.44 -11.69 -20.08
CA VAL D 221 16.01 -11.91 -20.15
C VAL D 221 15.45 -12.33 -18.78
N ALA D 222 16.26 -12.18 -17.72
CA ALA D 222 15.83 -12.62 -16.38
C ALA D 222 14.45 -12.08 -16.02
N GLU D 223 14.24 -10.77 -16.15
CA GLU D 223 13.00 -10.17 -15.68
C GLU D 223 11.79 -10.73 -16.43
N GLU D 224 11.99 -11.37 -17.56
CA GLU D 224 10.89 -11.92 -18.34
C GLU D 224 10.59 -13.38 -17.98
N LEU D 225 11.19 -13.89 -16.91
CA LEU D 225 11.06 -15.28 -16.47
C LEU D 225 10.88 -15.33 -14.96
N PRO D 226 10.21 -16.40 -14.43
CA PRO D 226 9.62 -17.52 -15.15
C PRO D 226 8.41 -17.07 -15.93
N VAL D 227 7.97 -17.99 -16.79
CA VAL D 227 6.79 -17.87 -17.62
C VAL D 227 5.64 -18.45 -16.79
N LYS D 228 4.72 -17.58 -16.38
CA LYS D 228 3.55 -17.91 -15.59
C LYS D 228 2.39 -17.29 -16.31
N MET D 229 1.22 -17.85 -16.05
CA MET D 229 0.02 -17.42 -16.75
C MET D 229 -0.60 -16.27 -15.99
N LYS D 230 -0.98 -15.25 -16.74
CA LYS D 230 -1.66 -14.11 -16.16
C LYS D 230 -2.94 -14.57 -15.46
N LYS D 231 -3.23 -13.94 -14.32
CA LYS D 231 -4.39 -14.31 -13.51
C LYS D 231 -5.66 -13.82 -14.20
N THR D 232 -6.62 -14.73 -14.35
CA THR D 232 -7.92 -14.36 -14.85
C THR D 232 -8.77 -13.80 -13.70
N ALA D 233 -9.80 -13.05 -14.08
CA ALA D 233 -10.67 -12.40 -13.10
C ALA D 233 -11.36 -13.43 -12.23
N VAL D 234 -11.68 -13.02 -11.00
CA VAL D 234 -12.34 -13.87 -10.03
C VAL D 234 -13.79 -13.40 -9.90
N LYS D 235 -14.70 -14.34 -9.73
CA LYS D 235 -16.10 -13.94 -9.55
C LYS D 235 -16.20 -13.09 -8.29
N GLN D 236 -17.14 -12.18 -8.28
CA GLN D 236 -17.35 -11.31 -7.13
C GLN D 236 -18.68 -11.67 -6.52
N VAL D 237 -18.71 -11.81 -5.20
CA VAL D 237 -19.87 -12.34 -4.48
C VAL D 237 -20.29 -11.34 -3.41
N PRO D 238 -21.46 -10.74 -3.50
CA PRO D 238 -21.94 -9.94 -2.37
C PRO D 238 -22.46 -10.77 -1.19
N LEU D 239 -22.08 -10.36 0.01
CA LEU D 239 -22.40 -11.10 1.23
C LEU D 239 -23.03 -10.15 2.25
N ALA D 240 -24.19 -10.51 2.76
CA ALA D 240 -24.89 -9.72 3.75
C ALA D 240 -24.61 -10.38 5.09
N VAL D 241 -23.74 -9.79 5.87
CA VAL D 241 -23.38 -10.33 7.18
C VAL D 241 -24.18 -9.55 8.22
N ALA D 242 -24.55 -10.23 9.29
CA ALA D 242 -25.31 -9.62 10.36
C ALA D 242 -24.62 -9.88 11.69
N VAL D 243 -24.57 -8.86 12.53
CA VAL D 243 -24.07 -8.99 13.90
C VAL D 243 -25.25 -8.69 14.81
N LEU D 244 -25.80 -9.73 15.44
CA LEU D 244 -26.99 -9.63 16.29
C LEU D 244 -26.67 -9.93 17.75
N ALA D 245 -27.12 -9.05 18.64
CA ALA D 245 -26.88 -9.16 20.07
C ALA D 245 -28.22 -9.23 20.81
N ASP D 246 -28.16 -9.70 22.05
CA ASP D 246 -29.34 -9.89 22.89
C ASP D 246 -29.19 -9.08 24.18
N ASP D 247 -30.14 -9.26 25.10
CA ASP D 247 -30.18 -8.47 26.33
C ASP D 247 -29.01 -8.76 27.25
N GLU D 248 -28.62 -10.03 27.36
CA GLU D 248 -27.44 -10.41 28.14
C GLU D 248 -26.13 -10.03 27.47
N GLY D 249 -26.17 -9.52 26.23
CA GLY D 249 -24.97 -9.05 25.53
C GLY D 249 -24.25 -10.10 24.71
N ARG D 250 -24.80 -11.30 24.60
CA ARG D 250 -24.20 -12.37 23.83
C ARG D 250 -24.41 -12.12 22.33
N VAL D 251 -23.53 -12.69 21.51
CA VAL D 251 -23.56 -12.48 20.07
C VAL D 251 -23.79 -13.81 19.37
N LEU D 252 -24.55 -13.78 18.27
CA LEU D 252 -24.90 -14.97 17.51
C LEU D 252 -23.84 -15.27 16.46
N ILE D 253 -23.22 -16.45 16.56
CA ILE D 253 -22.22 -16.92 15.62
C ILE D 253 -22.63 -18.33 15.18
N ARG D 254 -21.97 -18.84 14.14
CA ARG D 254 -22.28 -20.18 13.65
C ARG D 254 -21.01 -20.79 13.10
N LYS D 255 -20.93 -22.10 13.15
CA LYS D 255 -19.78 -22.81 12.64
C LYS D 255 -20.09 -23.27 11.23
N ARG D 256 -19.12 -23.09 10.33
CA ARG D 256 -19.29 -23.46 8.92
C ARG D 256 -19.12 -24.97 8.74
N ASP D 257 -19.59 -25.49 7.59
CA ASP D 257 -19.59 -26.94 7.36
C ASP D 257 -18.17 -27.46 7.48
N SER D 258 -18.04 -28.78 7.59
CA SER D 258 -16.72 -29.40 7.56
C SER D 258 -16.15 -29.46 6.15
N THR D 259 -16.97 -29.21 5.14
CA THR D 259 -16.53 -29.24 3.75
C THR D 259 -16.74 -27.89 3.07
N GLY D 260 -15.66 -27.37 2.48
CA GLY D 260 -15.76 -26.26 1.54
C GLY D 260 -14.85 -25.11 1.88
N LEU D 261 -15.32 -23.90 1.59
CA LEU D 261 -14.60 -22.70 2.00
C LEU D 261 -14.60 -22.52 3.52
N LEU D 262 -13.44 -22.08 4.05
CA LEU D 262 -13.23 -21.64 5.44
C LEU D 262 -13.86 -22.64 6.41
N ALA D 263 -13.55 -23.91 6.16
CA ALA D 263 -14.24 -25.03 6.78
C ALA D 263 -13.98 -25.07 8.28
N ASN D 264 -15.05 -25.25 9.06
CA ASN D 264 -14.99 -25.42 10.50
C ASN D 264 -14.46 -24.17 11.18
N LEU D 265 -14.69 -23.05 10.53
CA LEU D 265 -14.37 -21.76 11.10
C LEU D 265 -15.66 -21.07 11.48
N TRP D 266 -15.57 -20.20 12.44
CA TRP D 266 -16.77 -19.56 12.95
C TRP D 266 -17.00 -18.25 12.19
N GLU D 267 -18.27 -17.91 12.01
CA GLU D 267 -18.62 -16.74 11.25
C GLU D 267 -19.88 -16.15 11.84
N PHE D 268 -20.06 -14.84 11.62
CA PHE D 268 -21.36 -14.21 11.82
C PHE D 268 -22.31 -14.64 10.71
N PRO D 269 -23.55 -15.00 11.05
CA PRO D 269 -24.48 -15.49 10.01
C PRO D 269 -24.59 -14.56 8.81
N SER D 270 -24.41 -15.13 7.63
CA SER D 270 -24.34 -14.38 6.38
C SER D 270 -25.23 -15.04 5.32
N CYS D 271 -25.68 -14.23 4.37
CA CYS D 271 -26.40 -14.74 3.22
C CYS D 271 -25.87 -14.08 1.97
N GLU D 272 -26.14 -14.69 0.83
CA GLU D 272 -25.75 -14.13 -0.46
C GLU D 272 -26.90 -13.29 -1.01
N THR D 273 -26.58 -12.11 -1.50
CA THR D 273 -27.56 -11.24 -2.11
C THR D 273 -27.31 -11.31 -3.61
N ASP D 277 -30.97 -6.25 -2.82
CA ASP D 277 -30.71 -6.14 -1.38
C ASP D 277 -31.25 -7.34 -0.62
N GLY D 278 -30.42 -7.83 0.29
CA GLY D 278 -30.77 -8.95 1.10
C GLY D 278 -30.88 -8.59 2.57
N LYS D 279 -31.18 -7.34 2.88
CA LYS D 279 -31.43 -7.00 4.29
C LYS D 279 -32.64 -7.78 4.79
N GLU D 280 -33.58 -8.07 3.90
CA GLU D 280 -34.69 -8.96 4.21
C GLU D 280 -34.38 -10.41 3.89
N LYS D 281 -33.55 -10.64 2.87
CA LYS D 281 -32.99 -11.98 2.66
C LYS D 281 -32.36 -12.49 3.96
N LEU D 282 -31.66 -11.62 4.68
CA LEU D 282 -31.03 -12.00 5.95
C LEU D 282 -32.07 -12.25 7.03
N GLU D 283 -33.00 -11.32 7.23
CA GLU D 283 -33.98 -11.47 8.30
C GLU D 283 -34.76 -12.77 8.15
N GLN D 284 -35.05 -13.18 6.90
CA GLN D 284 -35.77 -14.43 6.66
C GLN D 284 -34.94 -15.65 7.04
N MET D 285 -33.62 -15.60 6.78
CA MET D 285 -32.74 -16.74 7.07
C MET D 285 -32.58 -16.95 8.57
N VAL D 286 -32.17 -15.91 9.29
CA VAL D 286 -31.93 -16.04 10.72
C VAL D 286 -33.20 -16.49 11.44
N GLY D 287 -34.35 -15.94 11.03
CA GLY D 287 -35.60 -16.41 11.60
C GLY D 287 -35.86 -17.86 11.30
N GLU D 288 -35.44 -18.33 10.12
CA GLU D 288 -35.66 -19.72 9.73
C GLU D 288 -35.07 -20.68 10.74
N GLN D 289 -33.92 -20.33 11.32
CA GLN D 289 -33.34 -21.10 12.41
C GLN D 289 -34.10 -20.78 13.71
N LEU D 292 -35.92 -17.34 15.22
CA LEU D 292 -35.40 -16.24 16.05
C LEU D 292 -36.12 -14.95 15.67
N GLN D 293 -36.34 -14.06 16.62
CA GLN D 293 -37.01 -12.79 16.35
C GLN D 293 -35.95 -11.74 16.11
N VAL D 294 -35.70 -11.43 14.83
CA VAL D 294 -34.62 -10.54 14.43
C VAL D 294 -35.20 -9.38 13.63
N GLU D 295 -34.99 -8.18 14.14
CA GLU D 295 -35.26 -6.95 13.40
C GLU D 295 -33.90 -6.29 13.13
N LEU D 296 -33.70 -5.83 11.90
CA LEU D 296 -32.42 -5.28 11.47
C LEU D 296 -32.52 -3.77 11.22
N THR D 297 -31.39 -3.08 11.42
CA THR D 297 -31.24 -1.66 11.15
C THR D 297 -30.52 -1.42 9.83
N GLU D 298 -30.17 -0.16 9.56
CA GLU D 298 -29.48 0.18 8.33
C GLU D 298 -28.04 -0.32 8.38
N PRO D 299 -27.50 -0.78 7.25
CA PRO D 299 -26.12 -1.26 7.24
C PRO D 299 -25.17 -0.20 7.73
N ILE D 300 -23.98 -0.63 8.14
CA ILE D 300 -22.99 0.26 8.74
C ILE D 300 -21.67 0.28 8.00
N VAL D 301 -21.40 -0.65 7.10
CA VAL D 301 -20.14 -0.66 6.37
C VAL D 301 -20.26 -1.64 5.22
N SER D 302 -19.35 -1.56 4.27
CA SER D 302 -19.27 -2.56 3.22
C SER D 302 -17.83 -2.56 2.74
N PHE D 303 -17.22 -3.75 2.70
CA PHE D 303 -15.82 -3.84 2.30
C PHE D 303 -15.63 -5.11 1.51
N GLU D 304 -14.59 -5.11 0.69
CA GLU D 304 -14.19 -6.28 -0.06
C GLU D 304 -13.13 -7.04 0.73
N HIS D 305 -13.25 -8.36 0.71
CA HIS D 305 -12.23 -9.27 1.22
C HIS D 305 -11.93 -10.23 0.09
N ALA D 306 -10.67 -10.39 -0.23
CA ALA D 306 -10.26 -11.15 -1.40
C ALA D 306 -9.80 -12.55 -1.02
N PHE D 307 -10.10 -13.51 -1.92
CA PHE D 307 -9.56 -14.87 -1.97
C PHE D 307 -8.82 -15.04 -3.29
N SER D 308 -8.24 -16.22 -3.46
CA SER D 308 -7.53 -16.48 -4.69
C SER D 308 -8.49 -16.62 -5.85
N HIS D 309 -9.72 -17.05 -5.58
CA HIS D 309 -10.63 -17.46 -6.63
C HIS D 309 -11.94 -16.71 -6.62
N LEU D 310 -12.22 -15.94 -5.58
CA LEU D 310 -13.43 -15.13 -5.49
C LEU D 310 -13.09 -13.95 -4.60
N VAL D 311 -14.04 -13.02 -4.53
CA VAL D 311 -13.94 -11.78 -3.75
C VAL D 311 -15.30 -11.50 -3.12
N TRP D 312 -15.37 -11.59 -1.79
CA TRP D 312 -16.57 -11.25 -1.06
C TRP D 312 -16.72 -9.75 -1.03
N GLN D 313 -17.96 -9.27 -1.15
CA GLN D 313 -18.32 -7.87 -0.96
C GLN D 313 -19.29 -7.87 0.23
N LEU D 314 -18.74 -7.70 1.42
CA LEU D 314 -19.53 -7.83 2.62
C LEU D 314 -20.29 -6.56 2.90
N THR D 315 -21.36 -6.70 3.65
CA THR D 315 -22.12 -5.56 4.11
C THR D 315 -22.65 -5.97 5.46
N VAL D 316 -22.29 -5.21 6.47
CA VAL D 316 -22.65 -5.55 7.84
C VAL D 316 -23.96 -4.89 8.17
N PHE D 317 -24.89 -5.68 8.71
CA PHE D 317 -26.15 -5.15 9.19
C PHE D 317 -26.17 -5.41 10.68
N PRO D 318 -26.35 -4.39 11.52
CA PRO D 318 -26.54 -4.63 12.96
C PRO D 318 -28.00 -4.94 13.28
N GLY D 319 -28.23 -5.42 14.49
CA GLY D 319 -29.59 -5.80 14.88
C GLY D 319 -29.66 -6.33 16.30
N ARG D 320 -30.90 -6.64 16.72
CA ARG D 320 -31.19 -7.19 18.04
C ARG D 320 -32.02 -8.46 17.88
N LEU D 321 -31.72 -9.45 18.72
CA LEU D 321 -32.22 -10.80 18.59
C LEU D 321 -33.02 -11.18 19.83
N VAL D 322 -34.18 -11.81 19.61
CA VAL D 322 -35.02 -12.34 20.68
C VAL D 322 -34.95 -13.87 20.63
N HIS D 323 -34.36 -14.49 21.65
CA HIS D 323 -34.07 -15.93 21.63
C HIS D 323 -35.26 -16.78 21.20
N VAL D 327 -30.76 -21.49 19.73
CA VAL D 327 -29.39 -21.80 20.10
C VAL D 327 -28.98 -23.24 19.69
N GLU D 328 -29.65 -23.77 18.67
CA GLU D 328 -29.30 -25.09 18.18
C GLU D 328 -28.05 -25.02 17.31
N GLU D 329 -27.23 -26.06 17.37
CA GLU D 329 -26.10 -26.19 16.47
C GLU D 329 -26.58 -26.21 15.02
N PRO D 330 -25.85 -25.63 14.07
CA PRO D 330 -24.50 -25.05 14.13
C PRO D 330 -24.38 -23.76 14.91
N TYR D 331 -25.49 -23.04 15.06
CA TYR D 331 -25.47 -21.72 15.69
C TYR D 331 -25.13 -21.82 17.18
N ARG D 332 -24.78 -20.66 17.76
CA ARG D 332 -24.41 -20.57 19.17
C ARG D 332 -24.38 -19.10 19.61
N LEU D 333 -24.98 -18.78 20.75
CA LEU D 333 -24.92 -17.44 21.32
C LEU D 333 -23.81 -17.38 22.36
N ALA D 334 -22.89 -16.44 22.18
CA ALA D 334 -21.69 -16.45 22.99
C ALA D 334 -21.47 -15.08 23.61
N PRO D 335 -21.05 -15.02 24.87
CA PRO D 335 -20.72 -13.73 25.48
C PRO D 335 -19.72 -12.95 24.63
N GLU D 336 -19.88 -11.64 24.62
CA GLU D 336 -18.90 -10.81 23.93
C GLU D 336 -17.50 -11.09 24.44
N ASP D 337 -17.35 -11.41 25.73
CA ASP D 337 -16.03 -11.65 26.29
C ASP D 337 -15.43 -12.99 25.85
N GLU D 338 -16.25 -13.95 25.41
CA GLU D 338 -15.77 -15.27 25.06
C GLU D 338 -15.52 -15.45 23.56
N LEU D 339 -15.68 -14.39 22.75
CA LEU D 339 -15.44 -14.52 21.31
C LEU D 339 -14.00 -14.91 21.02
N LYS D 340 -13.07 -14.39 21.83
CA LYS D 340 -11.64 -14.62 21.61
C LYS D 340 -11.25 -16.10 21.55
N ALA D 341 -12.10 -17.04 21.96
CA ALA D 341 -11.73 -18.45 21.99
C ALA D 341 -12.01 -19.17 20.67
N TYR D 342 -12.99 -18.69 19.91
CA TYR D 342 -13.31 -19.26 18.63
C TYR D 342 -12.40 -18.71 17.54
N ALA D 343 -12.27 -19.47 16.46
CA ALA D 343 -11.41 -19.10 15.34
C ALA D 343 -12.22 -18.55 14.18
N PHE D 344 -11.99 -17.26 13.85
CA PHE D 344 -12.71 -16.57 12.79
C PHE D 344 -11.78 -16.33 11.63
N PRO D 345 -12.32 -16.42 10.43
CA PRO D 345 -11.60 -15.93 9.26
C PRO D 345 -11.43 -14.42 9.35
N VAL D 346 -10.35 -13.94 8.69
CA VAL D 346 -9.98 -12.54 8.70
C VAL D 346 -11.09 -11.66 8.16
N SER D 347 -11.89 -12.16 7.24
CA SER D 347 -13.07 -11.41 6.83
C SER D 347 -13.95 -11.06 8.05
N HIS D 348 -14.43 -12.08 8.75
CA HIS D 348 -15.35 -11.82 9.86
C HIS D 348 -14.67 -11.29 11.13
N GLN D 349 -13.33 -11.41 11.25
CA GLN D 349 -12.58 -10.68 12.26
C GLN D 349 -12.69 -9.15 12.04
N ARG D 350 -12.72 -8.73 10.78
CA ARG D 350 -12.95 -7.33 10.50
C ARG D 350 -14.42 -6.97 10.63
N VAL D 351 -15.32 -7.87 10.22
CA VAL D 351 -16.73 -7.61 10.43
C VAL D 351 -16.98 -7.28 11.88
N TRP D 352 -16.18 -7.86 12.77
CA TRP D 352 -16.40 -7.60 14.19
C TRP D 352 -15.78 -6.27 14.61
N ARG D 353 -14.54 -6.01 14.19
CA ARG D 353 -13.96 -4.71 14.47
C ARG D 353 -14.82 -3.58 13.91
N GLU D 354 -15.40 -3.75 12.72
CA GLU D 354 -16.21 -2.66 12.20
C GLU D 354 -17.43 -2.43 13.08
N TYR D 355 -17.96 -3.48 13.67
CA TYR D 355 -19.15 -3.34 14.51
C TYR D 355 -18.81 -2.63 15.82
N LYS D 356 -17.69 -3.00 16.44
CA LYS D 356 -17.35 -2.42 17.73
C LYS D 356 -16.94 -0.95 17.60
N GLU D 357 -16.40 -0.54 16.46
CA GLU D 357 -16.12 0.89 16.24
C GLU D 357 -17.42 1.68 16.07
N TRP D 358 -18.29 1.24 15.16
CA TRP D 358 -19.55 1.94 14.89
C TRP D 358 -20.34 2.23 16.16
N ALA D 359 -20.24 1.35 17.16
CA ALA D 359 -21.03 1.40 18.37
C ALA D 359 -20.40 2.27 19.47
N SER D 360 -19.86 3.44 19.11
CA SER D 360 -19.22 4.32 20.08
C SER D 360 -18.69 5.60 19.44
P 8OG E 6 -9.86 -21.81 2.42
OP1 8OG E 6 -9.19 -22.36 3.61
OP2 8OG E 6 -11.31 -21.51 2.42
O5' 8OG E 6 -8.97 -20.54 2.06
C5' 8OG E 6 -9.44 -19.20 2.25
C4' 8OG E 6 -8.50 -18.50 3.18
O4' 8OG E 6 -7.16 -18.58 2.64
C3' 8OG E 6 -8.77 -17.01 3.44
O3' 8OG E 6 -8.42 -16.83 4.82
C2' 8OG E 6 -7.82 -16.31 2.49
C1' 8OG E 6 -6.63 -17.26 2.42
N9 8OG E 6 -5.87 -17.31 1.16
C8 8OG E 6 -6.35 -17.28 -0.11
N7 8OG E 6 -5.32 -17.46 -1.03
C5 8OG E 6 -4.22 -17.61 -0.27
C6 8OG E 6 -2.86 -17.84 -0.65
O6 8OG E 6 -2.40 -17.92 -1.80
N1 8OG E 6 -2.02 -17.96 0.44
C2 8OG E 6 -2.43 -17.93 1.76
N2 8OG E 6 -1.49 -18.10 2.68
N3 8OG E 6 -3.69 -17.74 2.14
C4 8OG E 6 -4.50 -17.57 1.09
O8 8OG E 6 -7.53 -17.09 -0.43
H5' 8OG E 6 -10.45 -19.21 2.66
H5'' 8OG E 6 -9.47 -18.68 1.28
H4' 8OG E 6 -8.55 -19.00 4.16
H3' 8OG E 6 -9.78 -16.68 3.19
H2' 8OG E 6 -8.28 -16.17 1.50
H2'' 8OG E 6 -7.53 -15.33 2.86
H1' 8OG E 6 -5.96 -16.95 3.23
H7 8OG E 6 -5.39 -17.47 -2.07
H1 8OG E 6 -1.06 -18.14 0.21
H21 8OG E 6 -1.71 -18.06 3.65
H22 8OG E 6 -0.54 -18.25 2.39
FE1 SF4 G . 2.25 7.38 -26.92
FE2 SF4 G . 3.86 5.41 -25.85
FE3 SF4 G . 3.85 7.82 -24.74
FE4 SF4 G . 4.95 7.53 -27.14
S1 SF4 G . 5.63 6.50 -25.19
S2 SF4 G . 3.57 9.19 -26.56
S3 SF4 G . 3.58 6.01 -28.06
S4 SF4 G . 2.07 6.47 -24.83
CA CA H . 7.00 34.04 -12.28
CA CA I . 10.31 30.21 12.08
C1 EDO J . 21.62 6.85 -14.96
O1 EDO J . 21.09 5.53 -15.20
C2 EDO J . 21.03 7.82 -16.00
O2 EDO J . 19.59 7.84 -15.91
H11 EDO J . 22.71 6.83 -15.03
H12 EDO J . 21.35 7.17 -13.95
HO1 EDO J . 21.40 4.92 -14.51
H21 EDO J . 21.34 7.53 -17.00
H22 EDO J . 21.43 8.83 -15.81
HO2 EDO J . 19.23 8.38 -16.62
C TRS K . 0.81 5.44 0.93
C1 TRS K . 1.70 6.67 1.14
C2 TRS K . -0.22 5.80 -0.15
C3 TRS K . 1.61 4.22 0.51
N TRS K . 0.04 5.12 2.16
O1 TRS K . 2.41 6.95 -0.08
O2 TRS K . -1.01 4.65 -0.53
O3 TRS K . 2.77 4.07 1.28
H11 TRS K . 2.41 6.47 1.95
H12 TRS K . 1.09 7.53 1.42
H21 TRS K . 0.30 6.19 -1.02
H22 TRS K . -0.87 6.59 0.22
H31 TRS K . 1.88 4.30 -0.55
H32 TRS K . 0.99 3.33 0.62
HN1 TRS K . -0.62 5.79 2.54
HN2 TRS K . 0.54 4.92 3.02
HN3 TRS K . -0.56 4.31 2.18
HO1 TRS K . 2.29 6.21 -0.70
HO2 TRS K . -1.57 4.90 -1.29
HO3 TRS K . 3.19 3.21 1.09
FE1 SF4 L . 21.55 -14.93 -10.30
FE2 SF4 L . 20.27 -13.02 -11.76
FE3 SF4 L . 18.93 -15.17 -10.81
FE4 SF4 L . 20.66 -15.42 -12.85
S1 SF4 L . 18.72 -14.25 -12.87
S2 SF4 L . 20.46 -16.78 -11.05
S3 SF4 L . 22.28 -13.97 -12.25
S4 SF4 L . 19.98 -13.57 -9.60
CA CA M . 1.34 -36.76 -1.71
CA CA N . -20.42 -27.31 3.44
C1 EDO O . 3.81 -15.68 -22.37
O1 EDO O . 4.58 -15.07 -21.29
C2 EDO O . 2.37 -15.12 -22.53
O2 EDO O . 2.32 -13.71 -22.89
H11 EDO O . 3.75 -16.76 -22.19
H12 EDO O . 4.35 -15.54 -23.31
HO1 EDO O . 5.49 -15.38 -21.33
H21 EDO O . 1.85 -15.25 -21.58
H22 EDO O . 1.85 -15.70 -23.29
HO2 EDO O . 1.39 -13.45 -22.99
C TRS P . -2.54 -4.80 1.01
C1 TRS P . -2.97 -4.89 -0.48
C2 TRS P . -1.27 -5.56 1.33
C3 TRS P . -2.26 -3.37 1.46
N TRS P . -3.65 -5.45 1.78
O1 TRS P . -3.35 -6.25 -0.83
O2 TRS P . -1.54 -6.90 0.96
O3 TRS P . -1.10 -2.89 0.77
H11 TRS P . -2.14 -4.58 -1.11
H12 TRS P . -3.81 -4.22 -0.67
H21 TRS P . -1.04 -5.49 2.39
H22 TRS P . -0.43 -5.17 0.76
H31 TRS P . -2.09 -3.35 2.54
H32 TRS P . -3.11 -2.74 1.23
HN1 TRS P . -3.83 -6.44 1.65
HN2 TRS P . -4.60 -5.13 1.66
HN3 TRS P . -3.63 -5.45 2.79
HO1 TRS P . -3.12 -6.86 -0.09
HO2 TRS P . -0.71 -7.43 1.05
HO3 TRS P . -0.96 -1.95 1.02
#